data_4U8H
#
_entry.id   4U8H
#
_cell.length_a   97.675
_cell.length_b   97.675
_cell.length_c   163.213
_cell.angle_alpha   90.00
_cell.angle_beta   90.00
_cell.angle_gamma   90.00
#
_symmetry.space_group_name_H-M   'P 41'
#
loop_
_entity.id
_entity.type
_entity.pdbx_description
1 polymer Cryptochrome-2
2 polymer 'Period circadian protein homolog 2'
3 non-polymer 'ZINC ION'
4 water water
#
loop_
_entity_poly.entity_id
_entity_poly.type
_entity_poly.pdbx_seq_one_letter_code
_entity_poly.pdbx_strand_id
1 'polypeptide(L)'
;MAAAAVVAATVPAQSMGADGASSVHWFRKGLRLHDNPALLAAVRGARCVRCVYILDPWFAASSSVGINRWRFLLQSLEDL
DTSLRKLNSRLFVVRGQPADVFPRLFKEWGVTRLTFEYDSEPFGKERDAAIMKMAKEAGVEVVTENSHTLYDLDRIIELN
GQKPPLTYKRFQALISRMELPKKPAVAVSSQQMESCRAEIQENHDDTYGVPSLEELGFPTEGLGPAVWQGGETEALARLD
KHLERKAWVANYERPRMNANSLLASPTGLSPYLRFGCLSCRLFYYRLWDLYKKVKRNSTPPLSLFGQLLWREFFYTAATN
NPRFDRMEGNPICIQIPWDRNPEALAKWAEGKTGFPWIDAIMTQLRQEGWIHHLARHAVACFLTRGDLWVSWESGVRVFD
ELLLDADFSVNAGSWMWLSCSAFFQQFFHCYCPVGFGRRTDPSGDYIRRYLPKLKGFPSRYIYEPWNAPESVQKAAKCII
GVDYPRPIVNHAETSRLNIERMKQIYQQLS
;
A,C
2 'polypeptide(L)'
;SSDTSHTSKYFGSIDSSENNHKAKMIPDTEESEQFIKYVLQDPIWLLMANTDDSIMMTYQLPSRDLQAVLKEDQEKLKLL
QRSQPRFTEGQRRELREVHPWVHTGGLPTAIDVTGCVYCES
;
B,D
#
# COMPACT_ATOMS: atom_id res chain seq x y z
N ALA A 21 -22.17 -31.71 20.36
CA ALA A 21 -21.11 -31.37 19.41
C ALA A 21 -19.74 -31.93 19.78
N SER A 22 -19.23 -32.83 18.94
CA SER A 22 -17.90 -33.42 19.11
C SER A 22 -17.17 -33.32 17.78
N SER A 23 -16.03 -32.62 17.78
CA SER A 23 -15.31 -32.38 16.53
C SER A 23 -13.80 -32.64 16.61
N VAL A 24 -13.12 -32.36 15.50
CA VAL A 24 -11.70 -32.67 15.33
C VAL A 24 -11.03 -31.56 14.55
N HIS A 25 -9.96 -30.98 15.11
CA HIS A 25 -9.12 -30.00 14.37
C HIS A 25 -7.86 -30.66 13.82
N TRP A 26 -7.72 -30.61 12.50
CA TRP A 26 -6.64 -31.31 11.81
C TRP A 26 -5.49 -30.35 11.47
N PHE A 27 -4.32 -30.67 12.01
CA PHE A 27 -3.09 -29.91 11.77
C PHE A 27 -2.34 -30.47 10.57
N ARG A 28 -1.91 -29.60 9.69
CA ARG A 28 -0.96 -29.96 8.64
C ARG A 28 0.10 -28.86 8.64
N LYS A 29 -0.29 -27.68 8.17
CA LYS A 29 0.44 -26.48 8.58
C LYS A 29 -0.37 -25.87 9.71
N GLY A 30 -0.29 -24.56 9.87
CA GLY A 30 -0.86 -23.87 11.01
C GLY A 30 -0.50 -24.53 12.33
N LEU A 31 0.74 -24.97 12.46
CA LEU A 31 1.17 -25.62 13.70
C LEU A 31 1.27 -24.61 14.85
N ARG A 32 0.12 -24.14 15.31
CA ARG A 32 0.11 -23.15 16.38
C ARG A 32 -1.22 -23.12 17.08
N LEU A 33 -1.18 -22.85 18.38
CA LEU A 33 -2.40 -22.53 19.13
C LEU A 33 -2.94 -21.11 18.85
N HIS A 34 -2.05 -20.11 18.74
CA HIS A 34 -2.41 -18.72 18.46
C HIS A 34 -2.89 -18.45 17.01
N ASP A 35 -3.64 -17.35 16.80
CA ASP A 35 -4.27 -17.02 15.50
C ASP A 35 -4.75 -18.26 14.73
N ASN A 36 -5.61 -19.04 15.35
CA ASN A 36 -6.12 -20.23 14.72
C ASN A 36 -7.62 -20.16 14.63
N PRO A 37 -8.13 -19.52 13.57
CA PRO A 37 -9.57 -19.34 13.39
C PRO A 37 -10.22 -20.67 13.12
N ALA A 38 -9.42 -21.68 12.81
CA ALA A 38 -9.95 -23.03 12.59
C ALA A 38 -10.04 -23.83 13.89
N LEU A 39 -9.02 -23.73 14.75
CA LEU A 39 -9.11 -24.41 16.04
C LEU A 39 -10.16 -23.74 16.92
N LEU A 40 -10.30 -22.42 16.79
CA LEU A 40 -11.35 -21.67 17.49
C LEU A 40 -12.76 -22.19 17.13
N ALA A 41 -13.05 -22.21 15.83
CA ALA A 41 -14.30 -22.78 15.29
C ALA A 41 -14.70 -24.08 15.97
N ALA A 42 -13.83 -25.08 15.91
CA ALA A 42 -14.10 -26.39 16.47
C ALA A 42 -14.54 -26.39 17.94
N VAL A 43 -14.06 -25.43 18.72
CA VAL A 43 -14.24 -25.48 20.19
C VAL A 43 -15.54 -24.82 20.70
N ARG A 44 -16.05 -23.83 19.97
CA ARG A 44 -17.18 -23.01 20.43
C ARG A 44 -18.49 -23.76 20.75
N GLY A 45 -18.92 -24.65 19.84
CA GLY A 45 -20.12 -25.42 20.09
C GLY A 45 -19.82 -26.74 20.78
N ALA A 46 -18.54 -27.05 20.88
CA ALA A 46 -18.07 -28.39 21.24
C ALA A 46 -18.28 -28.78 22.69
N ARG A 47 -18.57 -30.06 22.89
CA ARG A 47 -18.55 -30.68 24.20
C ARG A 47 -17.12 -31.15 24.52
N CYS A 48 -16.59 -32.03 23.68
CA CYS A 48 -15.23 -32.51 23.83
C CYS A 48 -14.56 -32.69 22.46
N VAL A 49 -13.38 -32.09 22.27
CA VAL A 49 -12.66 -32.22 21.01
C VAL A 49 -11.19 -32.59 21.14
N ARG A 50 -10.62 -33.04 20.03
CA ARG A 50 -9.27 -33.58 19.98
C ARG A 50 -8.56 -33.14 18.70
N CYS A 51 -7.30 -32.74 18.83
CA CYS A 51 -6.51 -32.32 17.68
C CYS A 51 -5.72 -33.48 17.05
N VAL A 52 -5.44 -33.38 15.76
CA VAL A 52 -4.66 -34.44 15.14
C VAL A 52 -3.63 -33.95 14.13
N TYR A 53 -2.47 -34.59 14.13
CA TYR A 53 -1.57 -34.57 12.98
C TYR A 53 -1.52 -35.99 12.43
N ILE A 54 -1.46 -36.12 11.12
CA ILE A 54 -1.51 -37.44 10.48
C ILE A 54 -0.26 -37.73 9.67
N LEU A 55 0.35 -38.86 9.98
CA LEU A 55 1.66 -39.13 9.46
C LEU A 55 1.75 -40.62 9.29
N ASP A 56 2.36 -41.10 8.22
CA ASP A 56 2.77 -42.49 8.17
C ASP A 56 4.28 -42.50 8.23
N PRO A 57 4.86 -42.56 9.44
CA PRO A 57 6.31 -42.46 9.64
C PRO A 57 7.05 -43.47 8.77
N TRP A 58 6.33 -44.52 8.40
CA TRP A 58 6.84 -45.65 7.68
C TRP A 58 7.25 -45.33 6.24
N PHE A 59 6.66 -44.29 5.66
CA PHE A 59 6.90 -43.93 4.26
C PHE A 59 6.94 -42.41 4.05
N ALA A 60 6.81 -41.68 5.14
CA ALA A 60 6.69 -40.24 5.15
C ALA A 60 7.89 -39.57 4.47
N ALA A 61 9.08 -40.01 4.87
CA ALA A 61 10.34 -39.36 4.48
C ALA A 61 10.87 -39.91 3.18
N SER A 62 11.39 -39.02 2.35
CA SER A 62 11.87 -39.39 1.01
C SER A 62 13.35 -39.77 0.86
N SER A 63 14.16 -39.46 1.87
CA SER A 63 15.61 -39.60 1.70
C SER A 63 16.43 -39.34 2.96
N SER A 64 17.65 -39.86 2.96
CA SER A 64 18.58 -39.77 4.07
C SER A 64 19.05 -38.34 4.37
N VAL A 65 18.87 -37.46 3.40
CA VAL A 65 19.42 -36.11 3.40
C VAL A 65 18.45 -35.03 3.97
N GLY A 66 17.27 -35.46 4.37
CA GLY A 66 16.20 -34.56 4.75
C GLY A 66 15.88 -34.54 6.22
N ILE A 67 16.90 -34.75 7.03
CA ILE A 67 16.75 -34.74 8.48
C ILE A 67 16.28 -33.42 9.09
N ASN A 68 16.83 -32.29 8.65
CA ASN A 68 16.44 -31.00 9.24
C ASN A 68 14.93 -30.68 9.19
N ARG A 69 14.29 -30.93 8.05
CA ARG A 69 12.88 -30.57 7.92
C ARG A 69 11.97 -31.45 8.80
N TRP A 70 12.28 -32.74 8.86
CA TRP A 70 11.56 -33.66 9.73
C TRP A 70 11.82 -33.45 11.20
N ARG A 71 13.06 -33.09 11.54
CA ARG A 71 13.38 -32.71 12.91
C ARG A 71 12.58 -31.44 13.28
N PHE A 72 12.51 -30.50 12.34
CA PHE A 72 11.73 -29.30 12.58
C PHE A 72 10.25 -29.63 12.75
N LEU A 73 9.75 -30.53 11.91
CA LEU A 73 8.33 -30.89 12.00
C LEU A 73 8.04 -31.55 13.35
N LEU A 74 8.96 -32.39 13.82
CA LEU A 74 8.70 -33.22 14.99
C LEU A 74 8.83 -32.44 16.28
N GLN A 75 9.72 -31.46 16.29
CA GLN A 75 9.84 -30.55 17.43
C GLN A 75 8.60 -29.67 17.50
N SER A 76 8.07 -29.35 16.32
CA SER A 76 6.85 -28.59 16.20
C SER A 76 5.63 -29.30 16.81
N LEU A 77 5.47 -30.58 16.49
CA LEU A 77 4.36 -31.37 17.02
C LEU A 77 4.55 -31.53 18.52
N GLU A 78 5.77 -31.87 18.89
CA GLU A 78 6.12 -31.98 20.28
C GLU A 78 5.74 -30.69 21.04
N ASP A 79 6.07 -29.52 20.50
CA ASP A 79 5.67 -28.27 21.17
C ASP A 79 4.16 -28.16 21.29
N LEU A 80 3.46 -28.37 20.17
CA LEU A 80 2.01 -28.47 20.13
C LEU A 80 1.45 -29.40 21.21
N ASP A 81 2.17 -30.48 21.51
CA ASP A 81 1.72 -31.44 22.51
C ASP A 81 1.88 -30.83 23.90
N THR A 82 3.09 -30.38 24.23
CA THR A 82 3.34 -29.59 25.45
C THR A 82 2.25 -28.51 25.70
N SER A 83 1.94 -27.69 24.69
CA SER A 83 0.96 -26.61 24.81
C SER A 83 -0.42 -27.15 25.08
N LEU A 84 -0.75 -28.24 24.38
CA LEU A 84 -2.04 -28.90 24.56
C LEU A 84 -2.09 -29.68 25.88
N ARG A 85 -0.94 -29.91 26.53
CA ARG A 85 -0.91 -30.55 27.84
C ARG A 85 -1.49 -29.61 28.87
N LYS A 86 -1.03 -28.34 28.81
CA LYS A 86 -1.50 -27.28 29.70
C LYS A 86 -3.01 -27.04 29.54
N LEU A 87 -3.59 -27.61 28.48
CA LEU A 87 -5.03 -27.60 28.33
C LEU A 87 -5.66 -28.92 28.80
N ASN A 88 -4.90 -29.70 29.58
CA ASN A 88 -5.29 -31.03 30.08
C ASN A 88 -5.62 -32.01 28.96
N SER A 89 -5.18 -31.67 27.76
CA SER A 89 -5.36 -32.50 26.58
C SER A 89 -3.99 -32.92 26.06
N ARG A 90 -3.94 -33.40 24.83
CA ARG A 90 -2.68 -33.78 24.18
C ARG A 90 -2.83 -33.77 22.67
N LEU A 91 -1.70 -33.80 21.96
CA LEU A 91 -1.70 -33.91 20.50
C LEU A 91 -1.79 -35.38 20.07
N PHE A 92 -2.66 -35.67 19.10
CA PHE A 92 -2.82 -37.03 18.57
C PHE A 92 -2.21 -37.24 17.20
N VAL A 93 -0.96 -37.67 17.16
CA VAL A 93 -0.36 -38.05 15.88
C VAL A 93 -0.95 -39.39 15.49
N VAL A 94 -1.64 -39.42 14.36
CA VAL A 94 -2.28 -40.64 13.90
C VAL A 94 -1.50 -41.20 12.73
N ARG A 95 -1.03 -42.43 12.88
CA ARG A 95 -0.40 -43.13 11.79
C ARG A 95 -1.42 -43.52 10.74
N GLY A 96 -1.27 -43.00 9.53
CA GLY A 96 -2.01 -43.52 8.41
C GLY A 96 -2.20 -42.48 7.34
N GLN A 97 -3.18 -42.69 6.46
CA GLN A 97 -3.44 -41.80 5.34
C GLN A 97 -4.73 -41.01 5.55
N PRO A 98 -4.71 -39.70 5.26
CA PRO A 98 -5.94 -38.92 5.21
C PRO A 98 -6.87 -39.44 4.10
N ALA A 99 -7.41 -40.63 4.31
CA ALA A 99 -8.25 -41.34 3.34
C ALA A 99 -8.68 -42.66 3.96
N ASP A 100 -7.80 -43.20 4.81
CA ASP A 100 -8.05 -44.47 5.47
C ASP A 100 -8.39 -44.25 6.92
N VAL A 101 -7.80 -43.22 7.52
CA VAL A 101 -7.99 -42.99 8.95
C VAL A 101 -9.21 -42.13 9.21
N PHE A 102 -9.50 -41.18 8.32
CA PHE A 102 -10.61 -40.28 8.57
C PHE A 102 -11.97 -40.96 8.80
N PRO A 103 -12.36 -41.90 7.92
CA PRO A 103 -13.64 -42.56 8.19
C PRO A 103 -13.67 -43.31 9.53
N ARG A 104 -12.60 -44.04 9.85
CA ARG A 104 -12.55 -44.77 11.12
C ARG A 104 -12.62 -43.82 12.31
N LEU A 105 -11.86 -42.74 12.22
CA LEU A 105 -11.82 -41.72 13.25
C LEU A 105 -13.20 -41.09 13.42
N PHE A 106 -13.96 -41.03 12.32
CA PHE A 106 -15.35 -40.57 12.37
C PHE A 106 -16.20 -41.49 13.24
N LYS A 107 -16.18 -42.79 12.93
CA LYS A 107 -17.01 -43.78 13.64
C LYS A 107 -16.62 -43.94 15.11
N GLU A 108 -15.33 -44.04 15.39
CA GLU A 108 -14.86 -44.29 16.76
C GLU A 108 -15.13 -43.12 17.69
N TRP A 109 -15.31 -41.94 17.12
CA TRP A 109 -15.38 -40.71 17.89
C TRP A 109 -16.67 -39.95 17.67
N GLY A 110 -17.43 -40.38 16.66
CA GLY A 110 -18.74 -39.81 16.36
C GLY A 110 -18.67 -38.31 16.16
N VAL A 111 -17.66 -37.89 15.42
CA VAL A 111 -17.35 -36.48 15.31
C VAL A 111 -18.37 -35.70 14.48
N THR A 112 -18.95 -34.67 15.08
CA THR A 112 -19.97 -33.88 14.38
C THR A 112 -19.37 -33.04 13.26
N ARG A 113 -18.14 -32.57 13.45
CA ARG A 113 -17.51 -31.74 12.42
C ARG A 113 -15.97 -31.73 12.38
N LEU A 114 -15.45 -31.26 11.25
CA LEU A 114 -14.02 -31.21 11.02
C LEU A 114 -13.61 -29.77 10.72
N THR A 115 -12.51 -29.32 11.33
CA THR A 115 -11.95 -28.01 11.06
C THR A 115 -10.48 -28.14 10.70
N PHE A 116 -10.07 -27.45 9.67
CA PHE A 116 -8.66 -27.36 9.34
C PHE A 116 -8.34 -26.08 8.57
N GLU A 117 -7.07 -25.67 8.59
CA GLU A 117 -6.63 -24.44 7.98
C GLU A 117 -6.52 -24.57 6.45
N TYR A 118 -7.09 -23.63 5.70
CA TYR A 118 -7.11 -23.72 4.25
C TYR A 118 -5.72 -23.92 3.65
N ASP A 119 -5.60 -24.95 2.82
CA ASP A 119 -4.43 -25.10 1.98
C ASP A 119 -4.77 -24.73 0.54
N SER A 120 -4.19 -23.62 0.13
CA SER A 120 -4.21 -23.07 -1.20
C SER A 120 -3.56 -23.92 -2.30
N GLU A 121 -2.52 -24.66 -1.96
CA GLU A 121 -1.67 -25.20 -3.00
C GLU A 121 -2.49 -26.23 -3.76
N PRO A 122 -2.30 -26.29 -5.09
CA PRO A 122 -3.13 -27.16 -5.95
C PRO A 122 -3.34 -28.58 -5.41
N PHE A 123 -2.29 -29.36 -5.15
CA PHE A 123 -2.47 -30.78 -4.79
C PHE A 123 -3.19 -30.92 -3.46
N GLY A 124 -2.91 -30.01 -2.54
CA GLY A 124 -3.56 -30.02 -1.25
C GLY A 124 -5.04 -29.81 -1.43
N LYS A 125 -5.39 -28.80 -2.21
CA LYS A 125 -6.78 -28.51 -2.56
C LYS A 125 -7.56 -29.76 -3.01
N GLU A 126 -7.06 -30.42 -4.05
CA GLU A 126 -7.64 -31.66 -4.58
C GLU A 126 -7.84 -32.67 -3.46
N ARG A 127 -6.74 -33.01 -2.78
CA ARG A 127 -6.80 -33.89 -1.63
C ARG A 127 -7.81 -33.41 -0.60
N ASP A 128 -7.80 -32.11 -0.31
CA ASP A 128 -8.70 -31.56 0.68
C ASP A 128 -10.14 -31.73 0.23
N ALA A 129 -10.38 -31.52 -1.05
CA ALA A 129 -11.73 -31.65 -1.62
C ALA A 129 -12.26 -33.09 -1.55
N ALA A 130 -11.47 -34.05 -2.04
CA ALA A 130 -11.82 -35.46 -1.98
C ALA A 130 -12.05 -35.96 -0.55
N ILE A 131 -11.56 -35.19 0.41
CA ILE A 131 -11.75 -35.47 1.83
C ILE A 131 -12.96 -34.67 2.36
N MET A 132 -13.40 -33.70 1.56
CA MET A 132 -14.68 -33.03 1.78
C MET A 132 -15.83 -33.89 1.22
N LYS A 133 -15.64 -34.42 0.02
CA LYS A 133 -16.58 -35.37 -0.57
C LYS A 133 -16.85 -36.51 0.40
N MET A 134 -15.82 -36.94 1.11
CA MET A 134 -15.96 -38.02 2.07
C MET A 134 -16.73 -37.62 3.33
N ALA A 135 -16.47 -36.44 3.85
CA ALA A 135 -17.13 -36.02 5.09
C ALA A 135 -18.60 -35.68 4.86
N LYS A 136 -18.90 -35.06 3.72
CA LYS A 136 -20.28 -34.74 3.38
C LYS A 136 -21.12 -36.01 3.26
N GLU A 137 -20.62 -36.97 2.48
CA GLU A 137 -21.28 -38.25 2.29
C GLU A 137 -21.25 -39.13 3.54
N ALA A 138 -20.63 -38.63 4.61
CA ALA A 138 -20.64 -39.33 5.89
C ALA A 138 -21.31 -38.44 6.92
N GLY A 139 -21.79 -37.31 6.42
CA GLY A 139 -22.65 -36.42 7.19
C GLY A 139 -21.96 -35.77 8.36
N VAL A 140 -20.81 -35.15 8.08
CA VAL A 140 -19.98 -34.47 9.08
C VAL A 140 -19.68 -33.06 8.54
N GLU A 141 -19.76 -32.05 9.42
CA GLU A 141 -19.64 -30.64 9.02
C GLU A 141 -18.17 -30.18 8.84
N VAL A 142 -17.94 -29.18 7.98
CA VAL A 142 -16.58 -28.73 7.68
C VAL A 142 -16.46 -27.19 7.54
N VAL A 143 -15.46 -26.63 8.23
CA VAL A 143 -15.11 -25.22 8.09
C VAL A 143 -13.61 -25.02 7.84
N THR A 144 -13.28 -24.21 6.84
CA THR A 144 -11.90 -23.85 6.61
C THR A 144 -11.68 -22.34 6.75
N GLU A 145 -10.73 -21.97 7.61
CA GLU A 145 -10.25 -20.60 7.66
C GLU A 145 -8.93 -20.53 6.91
N ASN A 146 -8.66 -19.40 6.28
CA ASN A 146 -7.51 -19.26 5.39
C ASN A 146 -6.30 -18.57 6.06
N SER A 147 -6.15 -18.80 7.36
CA SER A 147 -5.14 -18.16 8.20
C SER A 147 -3.68 -18.51 7.92
N HIS A 148 -3.41 -19.15 6.79
CA HIS A 148 -2.03 -19.43 6.46
C HIS A 148 -1.52 -18.23 5.70
N THR A 149 -2.44 -17.55 5.05
CA THR A 149 -2.12 -16.37 4.27
C THR A 149 -2.73 -15.09 4.86
N LEU A 150 -2.22 -13.94 4.46
CA LEU A 150 -2.78 -12.68 4.93
C LEU A 150 -4.19 -12.48 4.35
N TYR A 151 -4.33 -12.70 3.04
CA TYR A 151 -5.61 -12.51 2.36
C TYR A 151 -6.34 -13.80 2.04
N ASP A 152 -7.62 -13.68 1.70
CA ASP A 152 -8.29 -14.74 0.96
C ASP A 152 -7.70 -14.67 -0.43
N LEU A 153 -6.89 -15.64 -0.79
CA LEU A 153 -6.20 -15.55 -2.06
C LEU A 153 -7.14 -15.51 -3.24
N ASP A 154 -8.25 -16.22 -3.16
CA ASP A 154 -9.18 -16.31 -4.30
C ASP A 154 -9.67 -14.90 -4.74
N ARG A 155 -9.92 -14.03 -3.74
CA ARG A 155 -10.43 -12.67 -3.98
C ARG A 155 -9.42 -11.79 -4.67
N ILE A 156 -8.15 -12.01 -4.38
CA ILE A 156 -7.09 -11.29 -5.06
C ILE A 156 -7.22 -11.71 -6.51
N ILE A 157 -7.56 -12.96 -6.73
CA ILE A 157 -7.59 -13.51 -8.08
C ILE A 157 -8.81 -13.02 -8.85
N GLU A 158 -9.98 -13.00 -8.20
CA GLU A 158 -11.20 -12.49 -8.86
C GLU A 158 -11.12 -10.99 -9.14
N LEU A 159 -10.48 -10.25 -8.23
CA LEU A 159 -10.33 -8.81 -8.39
C LEU A 159 -9.47 -8.45 -9.61
N ASN A 160 -8.94 -9.46 -10.29
CA ASN A 160 -8.00 -9.25 -11.38
C ASN A 160 -8.51 -10.00 -12.61
N GLY A 161 -9.82 -10.25 -12.64
CA GLY A 161 -10.47 -10.92 -13.76
C GLY A 161 -10.38 -12.43 -13.66
N GLN A 162 -10.46 -12.92 -12.43
CA GLN A 162 -10.25 -14.33 -12.09
C GLN A 162 -9.05 -14.97 -12.79
N LYS A 163 -7.91 -14.26 -12.71
CA LYS A 163 -6.61 -14.73 -13.15
C LYS A 163 -5.54 -14.22 -12.15
N PRO A 164 -4.45 -14.96 -11.95
CA PRO A 164 -3.45 -14.58 -10.95
C PRO A 164 -2.51 -13.47 -11.45
N PRO A 165 -2.24 -12.47 -10.61
CA PRO A 165 -1.28 -11.41 -10.90
C PRO A 165 0.02 -11.99 -11.41
N LEU A 166 0.52 -11.47 -12.51
CA LEU A 166 1.72 -12.03 -13.16
C LEU A 166 2.99 -11.33 -12.74
N THR A 167 2.86 -10.09 -12.27
CA THR A 167 3.99 -9.36 -11.74
C THR A 167 3.74 -8.99 -10.29
N TYR A 168 4.84 -8.80 -9.54
CA TYR A 168 4.77 -8.32 -8.18
C TYR A 168 4.18 -6.90 -8.11
N LYS A 169 4.53 -6.04 -9.08
CA LYS A 169 3.92 -4.68 -9.13
C LYS A 169 2.39 -4.70 -9.15
N ARG A 170 1.81 -5.54 -10.02
CA ARG A 170 0.37 -5.69 -10.07
C ARG A 170 -0.19 -6.38 -8.84
N PHE A 171 0.59 -7.31 -8.27
CA PHE A 171 0.16 -7.97 -7.03
C PHE A 171 -0.03 -6.90 -5.97
N GLN A 172 1.01 -6.10 -5.77
CA GLN A 172 1.00 -5.00 -4.82
C GLN A 172 -0.25 -4.10 -4.99
N ALA A 173 -0.44 -3.57 -6.20
CA ALA A 173 -1.63 -2.77 -6.52
C ALA A 173 -2.97 -3.42 -6.11
N LEU A 174 -3.10 -4.72 -6.33
CA LEU A 174 -4.36 -5.36 -6.10
C LEU A 174 -4.77 -5.45 -4.62
N ILE A 175 -3.79 -5.45 -3.74
CA ILE A 175 -4.05 -5.72 -2.33
C ILE A 175 -4.17 -4.42 -1.52
N SER A 176 -3.67 -3.34 -2.11
CA SER A 176 -3.85 -1.99 -1.58
C SER A 176 -5.32 -1.58 -1.72
N ARG A 177 -5.98 -2.12 -2.74
CA ARG A 177 -7.40 -1.87 -3.00
C ARG A 177 -8.37 -2.80 -2.25
N MET A 178 -7.85 -3.80 -1.53
CA MET A 178 -8.74 -4.72 -0.82
C MET A 178 -8.77 -4.36 0.66
N GLU A 179 -9.53 -5.10 1.44
CA GLU A 179 -9.55 -4.92 2.89
C GLU A 179 -8.13 -5.08 3.46
N LEU A 180 -7.98 -4.87 4.77
CA LEU A 180 -6.72 -5.21 5.40
C LEU A 180 -6.85 -6.66 5.90
N PRO A 181 -5.73 -7.42 5.91
CA PRO A 181 -5.63 -8.76 6.49
C PRO A 181 -6.34 -8.86 7.82
N LYS A 182 -7.02 -9.97 8.12
CA LYS A 182 -7.75 -10.07 9.37
C LYS A 182 -6.78 -9.95 10.55
N LYS A 183 -7.27 -9.41 11.65
CA LYS A 183 -6.48 -9.36 12.87
C LYS A 183 -6.25 -10.81 13.31
N PRO A 184 -5.15 -11.05 14.03
CA PRO A 184 -4.92 -12.34 14.68
C PRO A 184 -6.05 -12.67 15.63
N ALA A 185 -6.67 -13.84 15.46
CA ALA A 185 -7.67 -14.33 16.40
C ALA A 185 -7.06 -14.50 17.79
N VAL A 186 -7.91 -14.41 18.80
CA VAL A 186 -7.46 -14.61 20.17
C VAL A 186 -7.56 -16.11 20.46
N ALA A 187 -6.98 -16.89 19.56
CA ALA A 187 -7.02 -18.34 19.66
C ALA A 187 -6.20 -18.85 20.84
N VAL A 188 -6.86 -19.71 21.63
CA VAL A 188 -6.42 -20.39 22.86
C VAL A 188 -7.60 -20.25 23.80
N SER A 189 -7.81 -21.25 24.64
CA SER A 189 -8.93 -21.22 25.59
C SER A 189 -8.60 -22.12 26.76
N SER A 190 -8.95 -21.67 27.96
CA SER A 190 -8.68 -22.47 29.15
C SER A 190 -9.95 -23.02 29.79
N GLN A 191 -10.49 -22.28 30.76
CA GLN A 191 -11.67 -22.69 31.52
C GLN A 191 -12.89 -22.98 30.63
N GLN A 192 -12.78 -22.65 29.35
CA GLN A 192 -13.83 -22.93 28.38
C GLN A 192 -13.42 -24.08 27.46
N MET A 193 -12.20 -24.59 27.67
CA MET A 193 -11.75 -25.77 26.94
C MET A 193 -10.95 -26.76 27.80
N GLU A 194 -10.10 -26.25 28.69
CA GLU A 194 -9.20 -27.09 29.48
C GLU A 194 -9.88 -28.24 30.23
N SER A 195 -11.17 -28.08 30.49
CA SER A 195 -11.92 -29.11 31.22
C SER A 195 -12.71 -30.03 30.29
N CYS A 196 -12.42 -29.97 29.00
CA CYS A 196 -13.02 -30.89 28.03
C CYS A 196 -12.29 -32.23 28.07
N ARG A 197 -11.84 -32.61 29.26
CA ARG A 197 -11.11 -33.85 29.43
C ARG A 197 -12.09 -34.99 29.68
N ALA A 198 -12.95 -35.24 28.68
CA ALA A 198 -13.95 -36.30 28.79
C ALA A 198 -13.30 -37.68 28.77
N GLU A 199 -12.60 -37.99 27.70
CA GLU A 199 -11.93 -39.28 27.56
C GLU A 199 -10.41 -39.16 27.75
N ILE A 200 -9.85 -40.05 28.58
CA ILE A 200 -8.41 -40.04 28.87
C ILE A 200 -7.83 -41.45 28.90
N GLN A 201 -7.49 -42.01 27.74
CA GLN A 201 -6.82 -43.30 27.69
C GLN A 201 -5.30 -43.13 27.81
N GLU A 202 -4.70 -43.84 28.77
CA GLU A 202 -3.26 -43.75 29.03
C GLU A 202 -2.42 -44.68 28.14
N ASN A 203 -3.09 -45.40 27.25
CA ASN A 203 -2.42 -46.15 26.19
C ASN A 203 -1.98 -45.18 25.11
N HIS A 204 -2.08 -43.90 25.44
CA HIS A 204 -1.96 -42.80 24.51
C HIS A 204 -0.63 -42.73 23.79
N ASP A 205 0.45 -42.51 24.55
CA ASP A 205 1.77 -42.35 23.97
C ASP A 205 2.11 -43.51 23.03
N ASP A 206 1.65 -44.71 23.39
CA ASP A 206 1.93 -45.92 22.64
C ASP A 206 1.26 -45.91 21.27
N THR A 207 0.10 -45.26 21.18
CA THR A 207 -0.68 -45.24 19.93
C THR A 207 -0.70 -43.88 19.20
N TYR A 208 -0.75 -42.78 19.94
CA TYR A 208 -0.81 -41.45 19.31
C TYR A 208 0.35 -40.53 19.68
N GLY A 209 1.43 -41.11 20.21
CA GLY A 209 2.61 -40.32 20.55
C GLY A 209 3.26 -39.68 19.34
N VAL A 210 4.07 -38.66 19.58
CA VAL A 210 4.76 -37.97 18.50
C VAL A 210 5.93 -38.84 18.11
N PRO A 211 6.05 -39.17 16.82
CA PRO A 211 7.16 -40.00 16.35
C PRO A 211 8.49 -39.37 16.67
N SER A 212 9.52 -40.20 16.69
CA SER A 212 10.90 -39.76 16.85
C SER A 212 11.56 -39.83 15.49
N LEU A 213 12.76 -39.29 15.37
CA LEU A 213 13.45 -39.30 14.08
C LEU A 213 13.79 -40.71 13.65
N GLU A 214 13.84 -41.63 14.60
CA GLU A 214 14.23 -42.99 14.26
C GLU A 214 13.08 -43.75 13.61
N GLU A 215 11.86 -43.53 14.07
CA GLU A 215 10.70 -44.10 13.40
C GLU A 215 10.64 -43.64 11.95
N LEU A 216 11.11 -42.42 11.71
CA LEU A 216 11.19 -41.92 10.33
C LEU A 216 12.33 -42.54 9.55
N GLY A 217 13.26 -43.17 10.26
CA GLY A 217 14.40 -43.80 9.63
C GLY A 217 15.67 -42.97 9.61
N PHE A 218 15.78 -42.01 10.51
CA PHE A 218 16.99 -41.23 10.61
C PHE A 218 17.81 -41.69 11.80
N PRO A 219 19.14 -41.72 11.64
CA PRO A 219 20.05 -41.99 12.75
C PRO A 219 20.36 -40.72 13.53
N THR A 220 20.10 -40.75 14.83
CA THR A 220 20.27 -39.56 15.67
C THR A 220 21.45 -39.64 16.62
N GLU A 221 22.50 -40.35 16.22
CA GLU A 221 23.69 -40.39 17.05
C GLU A 221 24.63 -39.31 16.58
N GLY A 222 25.18 -38.56 17.53
CA GLY A 222 26.15 -37.53 17.23
C GLY A 222 25.45 -36.24 16.82
N LEU A 223 24.17 -36.14 17.20
CA LEU A 223 23.31 -35.11 16.64
C LEU A 223 23.13 -33.95 17.61
N GLY A 224 23.63 -32.79 17.18
CA GLY A 224 23.60 -31.58 17.97
C GLY A 224 22.23 -30.95 18.12
N PRO A 225 22.16 -29.87 18.90
CA PRO A 225 20.92 -29.09 19.02
C PRO A 225 20.60 -28.44 17.68
N ALA A 226 19.33 -28.39 17.32
CA ALA A 226 18.90 -27.91 16.00
C ALA A 226 19.26 -26.45 15.97
N VAL A 227 19.85 -25.97 14.87
CA VAL A 227 20.09 -24.53 14.71
C VAL A 227 18.72 -23.80 14.71
N TRP A 228 17.75 -24.44 14.06
CA TRP A 228 16.40 -23.93 13.96
C TRP A 228 15.41 -24.75 14.76
N GLN A 229 15.34 -24.48 16.05
CA GLN A 229 14.39 -25.15 16.95
C GLN A 229 12.95 -24.96 16.52
N GLY A 230 12.23 -26.07 16.33
CA GLY A 230 10.83 -26.04 15.95
C GLY A 230 9.86 -25.66 17.06
N GLY A 231 8.63 -25.36 16.64
CA GLY A 231 7.53 -25.12 17.56
C GLY A 231 6.98 -23.70 17.49
N GLU A 232 5.79 -23.50 18.03
CA GLU A 232 5.19 -22.18 18.07
C GLU A 232 5.88 -21.37 19.17
N THR A 233 6.14 -22.02 20.27
CA THR A 233 6.86 -21.45 21.40
C THR A 233 8.20 -20.79 21.03
N GLU A 234 9.03 -21.48 20.26
CA GLU A 234 10.28 -20.86 19.82
C GLU A 234 9.97 -19.74 18.82
N ALA A 235 8.85 -19.86 18.10
CA ALA A 235 8.49 -18.88 17.08
C ALA A 235 8.12 -17.51 17.68
N LEU A 236 7.25 -17.55 18.68
CA LEU A 236 6.78 -16.38 19.39
C LEU A 236 7.89 -15.66 20.14
N ALA A 237 8.87 -16.42 20.63
CA ALA A 237 9.96 -15.80 21.36
C ALA A 237 10.86 -15.13 20.35
N ARG A 238 10.91 -15.72 19.17
CA ARG A 238 11.74 -15.19 18.10
C ARG A 238 11.15 -13.91 17.57
N LEU A 239 9.82 -13.83 17.57
CA LEU A 239 9.12 -12.64 17.07
C LEU A 239 9.50 -11.46 17.92
N ASP A 240 9.61 -11.69 19.21
CA ASP A 240 9.91 -10.63 20.14
C ASP A 240 11.35 -10.12 20.01
N LYS A 241 12.29 -11.04 19.94
CA LYS A 241 13.65 -10.67 19.64
C LYS A 241 13.70 -9.92 18.31
N HIS A 242 12.81 -10.28 17.38
CA HIS A 242 12.91 -9.85 15.98
C HIS A 242 12.63 -8.36 15.91
N LEU A 243 11.90 -7.90 16.92
CA LEU A 243 11.20 -6.61 17.00
C LEU A 243 11.76 -5.72 18.12
N GLU A 244 13.03 -5.92 18.41
CA GLU A 244 13.73 -5.17 19.44
C GLU A 244 14.75 -4.32 18.72
N ARG A 245 15.17 -3.24 19.36
CA ARG A 245 15.96 -2.18 18.73
C ARG A 245 17.10 -2.72 17.86
N LYS A 246 17.96 -3.55 18.43
CA LYS A 246 19.14 -4.01 17.69
C LYS A 246 18.79 -4.83 16.42
N ALA A 247 17.81 -5.73 16.54
CA ALA A 247 17.38 -6.51 15.38
C ALA A 247 16.61 -5.65 14.36
N TRP A 248 15.82 -4.70 14.86
CA TRP A 248 15.06 -3.82 13.99
C TRP A 248 15.96 -3.00 13.09
N VAL A 249 16.94 -2.32 13.71
CA VAL A 249 17.85 -1.42 13.00
C VAL A 249 18.60 -2.20 11.95
N ALA A 250 19.11 -3.33 12.36
CA ALA A 250 20.00 -4.11 11.53
C ALA A 250 19.28 -4.75 10.36
N ASN A 251 18.03 -5.14 10.55
CA ASN A 251 17.21 -5.73 9.48
C ASN A 251 16.32 -4.73 8.71
N TYR A 252 15.64 -3.83 9.41
CA TYR A 252 14.70 -2.94 8.75
C TYR A 252 15.12 -1.51 8.44
N GLU A 253 16.30 -1.08 8.85
CA GLU A 253 16.69 0.33 8.69
C GLU A 253 18.01 0.52 7.95
N ARG A 254 19.10 0.08 8.55
CA ARG A 254 20.40 0.05 7.91
C ARG A 254 20.72 -1.37 7.48
N PRO A 255 20.06 -1.89 6.44
CA PRO A 255 20.44 -3.26 6.09
C PRO A 255 21.72 -3.29 5.25
N ARG A 256 22.71 -4.07 5.71
CA ARG A 256 23.97 -4.24 5.00
C ARG A 256 24.30 -5.72 4.91
N MET A 257 24.95 -6.13 3.83
CA MET A 257 25.38 -7.51 3.70
C MET A 257 26.78 -7.74 4.26
N ASN A 258 26.84 -8.50 5.34
CA ASN A 258 28.09 -8.90 5.94
C ASN A 258 28.14 -10.40 6.16
N ALA A 259 29.34 -10.93 6.29
CA ALA A 259 29.57 -12.33 6.65
C ALA A 259 28.67 -12.80 7.78
N ASN A 260 28.19 -11.87 8.59
CA ASN A 260 27.36 -12.23 9.71
C ASN A 260 25.90 -12.50 9.30
N SER A 261 25.50 -11.91 8.18
CA SER A 261 24.13 -12.05 7.70
C SER A 261 23.91 -13.45 7.15
N LEU A 262 24.98 -14.01 6.60
CA LEU A 262 24.97 -15.38 6.11
C LEU A 262 24.61 -16.36 7.24
N LEU A 263 25.03 -16.02 8.44
CA LEU A 263 24.78 -16.84 9.63
C LEU A 263 23.31 -16.88 10.07
N ALA A 264 22.90 -18.01 10.61
CA ALA A 264 21.53 -18.21 10.99
C ALA A 264 21.20 -17.23 12.12
N SER A 265 20.35 -16.26 11.82
CA SER A 265 19.90 -15.30 12.82
C SER A 265 19.01 -15.95 13.90
N PRO A 266 19.18 -15.51 15.15
CA PRO A 266 18.34 -15.94 16.28
C PRO A 266 16.98 -15.30 16.18
N THR A 267 16.84 -14.38 15.21
CA THR A 267 15.59 -13.67 14.99
C THR A 267 14.90 -14.05 13.67
N GLY A 268 15.55 -14.91 12.86
CA GLY A 268 15.04 -15.43 11.61
C GLY A 268 13.67 -16.05 11.82
N LEU A 269 12.80 -15.93 10.82
CA LEU A 269 11.39 -16.31 11.01
C LEU A 269 10.77 -17.14 9.88
N SER A 270 11.46 -17.22 8.74
CA SER A 270 10.98 -17.98 7.60
C SER A 270 10.51 -19.42 7.84
N PRO A 271 11.31 -20.24 8.58
CA PRO A 271 10.83 -21.59 8.84
C PRO A 271 9.54 -21.59 9.67
N TYR A 272 9.43 -20.70 10.65
CA TYR A 272 8.27 -20.60 11.53
C TYR A 272 7.04 -20.17 10.74
N LEU A 273 7.25 -19.26 9.79
CA LEU A 273 6.19 -18.86 8.89
C LEU A 273 5.74 -20.04 8.00
N ARG A 274 6.67 -20.87 7.54
CA ARG A 274 6.33 -21.97 6.65
C ARG A 274 5.49 -23.03 7.34
N PHE A 275 5.92 -23.48 8.52
CA PHE A 275 5.15 -24.50 9.19
C PHE A 275 3.83 -23.98 9.81
N GLY A 276 3.71 -22.66 9.89
CA GLY A 276 2.63 -22.04 10.63
C GLY A 276 2.86 -21.96 12.13
N CYS A 277 4.10 -22.13 12.58
CA CYS A 277 4.39 -22.03 14.00
C CYS A 277 4.25 -20.58 14.41
N LEU A 278 4.42 -19.67 13.44
CA LEU A 278 4.10 -18.25 13.59
C LEU A 278 3.00 -17.82 12.62
N SER A 279 2.08 -16.96 13.08
CA SER A 279 1.02 -16.42 12.23
C SER A 279 1.60 -15.34 11.35
N CYS A 280 1.31 -15.35 10.05
CA CYS A 280 1.88 -14.34 9.15
C CYS A 280 1.19 -13.03 9.40
N ARG A 281 -0.03 -13.11 9.92
CA ARG A 281 -0.84 -11.94 10.27
C ARG A 281 -0.39 -11.30 11.58
N LEU A 282 -0.11 -12.13 12.57
CA LEU A 282 0.39 -11.61 13.82
C LEU A 282 1.68 -10.86 13.53
N PHE A 283 2.56 -11.50 12.76
CA PHE A 283 3.82 -10.89 12.32
C PHE A 283 3.50 -9.51 11.70
N TYR A 284 2.54 -9.50 10.77
CA TYR A 284 2.03 -8.30 10.11
C TYR A 284 1.65 -7.15 11.04
N TYR A 285 0.60 -7.33 11.85
CA TYR A 285 0.12 -6.30 12.79
C TYR A 285 0.98 -6.15 14.05
N ARG A 286 2.30 -6.22 13.89
CA ARG A 286 3.20 -6.01 15.02
C ARG A 286 4.40 -5.33 14.44
N LEU A 287 4.62 -5.65 13.17
CA LEU A 287 5.64 -5.01 12.36
C LEU A 287 5.09 -3.63 11.99
N TRP A 288 3.76 -3.52 12.01
CA TRP A 288 3.05 -2.29 11.74
C TRP A 288 3.11 -1.46 12.99
N ASP A 289 2.71 -2.08 14.11
CA ASP A 289 2.69 -1.39 15.40
C ASP A 289 4.03 -0.81 15.80
N LEU A 290 5.11 -1.48 15.41
CA LEU A 290 6.43 -1.04 15.81
C LEU A 290 6.81 0.14 14.94
N TYR A 291 6.41 0.11 13.68
CA TYR A 291 6.65 1.22 12.75
C TYR A 291 5.91 2.45 13.23
N LYS A 292 4.66 2.23 13.62
CA LYS A 292 3.78 3.31 14.02
C LYS A 292 4.42 4.08 15.17
N LYS A 293 5.09 3.34 16.07
CA LYS A 293 5.65 3.90 17.32
C LYS A 293 6.98 4.60 17.13
N VAL A 294 7.81 4.05 16.25
CA VAL A 294 9.20 4.44 16.09
C VAL A 294 9.37 5.52 15.03
N LYS A 295 8.45 5.54 14.08
CA LYS A 295 8.49 6.48 12.98
C LYS A 295 7.34 7.49 13.06
N ARG A 296 6.39 7.21 13.96
CA ARG A 296 5.29 8.13 14.26
C ARG A 296 4.43 8.35 13.01
N ASN A 297 4.23 7.26 12.27
CA ASN A 297 3.48 7.18 11.02
C ASN A 297 2.56 5.96 11.07
N SER A 298 1.24 6.15 10.97
CA SER A 298 0.31 5.01 11.03
C SER A 298 -0.07 4.42 9.68
N THR A 299 0.70 4.78 8.65
CA THR A 299 0.59 4.17 7.31
C THR A 299 1.96 3.97 6.67
N PRO A 300 2.50 2.75 6.84
CA PRO A 300 3.86 2.33 6.48
C PRO A 300 4.01 1.99 5.01
N PRO A 301 5.20 2.15 4.45
CA PRO A 301 5.37 1.73 3.05
C PRO A 301 5.05 0.24 2.90
N LEU A 302 4.57 -0.16 1.72
CA LEU A 302 4.28 -1.56 1.45
C LEU A 302 5.53 -2.43 1.60
N SER A 303 6.68 -1.87 1.24
CA SER A 303 7.94 -2.59 1.28
C SER A 303 8.37 -3.05 2.68
N LEU A 304 7.82 -2.42 3.71
CA LEU A 304 8.07 -2.85 5.07
C LEU A 304 7.64 -4.31 5.22
N PHE A 305 6.50 -4.65 4.60
CA PHE A 305 5.94 -6.02 4.67
C PHE A 305 6.43 -6.94 3.56
N GLY A 306 7.37 -6.44 2.75
CA GLY A 306 7.95 -7.20 1.66
C GLY A 306 8.16 -8.70 1.84
N GLN A 307 8.67 -9.14 2.99
CA GLN A 307 8.97 -10.55 3.09
C GLN A 307 7.69 -11.40 3.11
N LEU A 308 6.66 -10.88 3.79
CA LEU A 308 5.30 -11.45 3.75
C LEU A 308 4.54 -11.31 2.41
N LEU A 309 4.55 -10.11 1.81
CA LEU A 309 3.88 -9.91 0.54
C LEU A 309 4.42 -10.85 -0.56
N TRP A 310 5.74 -11.07 -0.59
CA TRP A 310 6.30 -12.01 -1.56
C TRP A 310 5.88 -13.46 -1.33
N ARG A 311 5.55 -13.77 -0.09
CA ARG A 311 5.15 -15.11 0.27
C ARG A 311 3.71 -15.23 -0.20
N GLU A 312 2.88 -14.24 0.15
CA GLU A 312 1.53 -14.11 -0.43
C GLU A 312 1.44 -14.18 -1.96
N PHE A 313 2.27 -13.38 -2.65
CA PHE A 313 2.31 -13.36 -4.10
C PHE A 313 2.35 -14.76 -4.64
N PHE A 314 3.33 -15.52 -4.17
CA PHE A 314 3.60 -16.86 -4.63
C PHE A 314 2.46 -17.81 -4.28
N TYR A 315 1.97 -17.73 -3.04
CA TYR A 315 0.83 -18.55 -2.68
C TYR A 315 -0.35 -18.21 -3.57
N THR A 316 -0.25 -17.07 -4.24
CA THR A 316 -1.31 -16.61 -5.11
C THR A 316 -1.02 -17.02 -6.55
N ALA A 317 0.20 -16.74 -7.00
CA ALA A 317 0.62 -17.12 -8.35
C ALA A 317 0.53 -18.62 -8.66
N ALA A 318 0.32 -19.45 -7.64
CA ALA A 318 0.41 -20.90 -7.80
C ALA A 318 -0.88 -21.69 -7.44
N THR A 319 -1.75 -21.10 -6.63
CA THR A 319 -2.97 -21.77 -6.13
C THR A 319 -3.83 -22.46 -7.20
N ASN A 320 -3.89 -21.90 -8.40
CA ASN A 320 -4.63 -22.51 -9.51
C ASN A 320 -3.66 -22.97 -10.58
N ASN A 321 -2.49 -23.46 -10.17
CA ASN A 321 -1.45 -23.90 -11.11
C ASN A 321 -0.76 -25.22 -10.71
N PRO A 322 -1.45 -26.34 -10.92
CA PRO A 322 -1.01 -27.70 -10.61
C PRO A 322 0.44 -27.96 -11.00
N ARG A 323 0.91 -27.28 -12.03
CA ARG A 323 2.27 -27.51 -12.52
C ARG A 323 3.21 -26.35 -12.26
N PHE A 324 2.90 -25.54 -11.23
CA PHE A 324 3.68 -24.35 -10.90
C PHE A 324 5.14 -24.66 -10.75
N ASP A 325 5.41 -25.87 -10.25
CA ASP A 325 6.79 -26.26 -10.00
C ASP A 325 7.44 -27.06 -11.13
N ARG A 326 6.85 -26.99 -12.30
CA ARG A 326 7.47 -27.62 -13.47
C ARG A 326 7.49 -26.69 -14.68
N MET A 327 8.55 -26.81 -15.48
CA MET A 327 8.74 -25.96 -16.64
C MET A 327 7.59 -26.19 -17.62
N GLU A 328 7.53 -27.39 -18.19
CA GLU A 328 6.53 -27.75 -19.18
C GLU A 328 5.17 -28.03 -18.55
N GLY A 329 4.12 -27.44 -19.12
CA GLY A 329 2.79 -27.56 -18.55
C GLY A 329 2.46 -26.35 -17.69
N ASN A 330 3.49 -25.58 -17.35
CA ASN A 330 3.29 -24.32 -16.65
C ASN A 330 3.15 -23.14 -17.60
N PRO A 331 1.95 -22.55 -17.61
CA PRO A 331 1.52 -21.44 -18.48
C PRO A 331 2.29 -20.12 -18.31
N ILE A 332 3.08 -19.98 -17.25
CA ILE A 332 3.82 -18.73 -17.06
C ILE A 332 5.31 -18.94 -17.11
N CYS A 333 5.75 -20.19 -17.18
CA CYS A 333 7.17 -20.45 -17.24
C CYS A 333 7.67 -20.53 -18.67
N ILE A 334 8.66 -19.69 -18.98
CA ILE A 334 9.48 -19.81 -20.18
C ILE A 334 9.99 -21.23 -20.30
N GLN A 335 9.88 -21.80 -21.50
CA GLN A 335 10.45 -23.12 -21.77
C GLN A 335 11.84 -22.93 -22.36
N ILE A 336 12.79 -23.72 -21.88
CA ILE A 336 14.20 -23.46 -22.13
C ILE A 336 14.93 -24.80 -22.23
N PRO A 337 15.86 -24.89 -23.19
CA PRO A 337 16.60 -26.14 -23.41
C PRO A 337 17.71 -26.38 -22.39
N TRP A 338 17.33 -26.61 -21.14
CA TRP A 338 18.30 -26.95 -20.11
C TRP A 338 19.04 -28.23 -20.47
N ASP A 339 20.28 -28.35 -19.99
CA ASP A 339 21.03 -29.58 -20.16
C ASP A 339 20.73 -30.62 -19.10
N ARG A 340 20.95 -31.89 -19.45
CA ARG A 340 21.00 -32.94 -18.46
C ARG A 340 22.47 -33.20 -18.12
N ASN A 341 22.79 -33.31 -16.84
CA ASN A 341 24.13 -33.69 -16.36
C ASN A 341 24.05 -34.11 -14.90
N PRO A 342 23.78 -35.39 -14.64
CA PRO A 342 23.42 -35.81 -13.28
C PRO A 342 24.59 -35.66 -12.32
N GLU A 343 25.79 -35.69 -12.89
CA GLU A 343 27.03 -35.62 -12.11
C GLU A 343 27.23 -34.17 -11.68
N ALA A 344 26.81 -33.26 -12.55
CA ALA A 344 26.89 -31.84 -12.26
C ALA A 344 25.90 -31.49 -11.16
N LEU A 345 24.66 -31.90 -11.33
CA LEU A 345 23.62 -31.67 -10.34
C LEU A 345 24.01 -32.27 -9.00
N ALA A 346 24.69 -33.42 -9.02
CA ALA A 346 25.13 -34.06 -7.78
C ALA A 346 26.23 -33.25 -7.11
N LYS A 347 27.24 -32.84 -7.86
CA LYS A 347 28.34 -32.05 -7.30
C LYS A 347 27.81 -30.75 -6.67
N TRP A 348 26.86 -30.12 -7.35
CA TRP A 348 26.17 -28.94 -6.83
C TRP A 348 25.49 -29.31 -5.52
N ALA A 349 24.56 -30.26 -5.59
CA ALA A 349 23.74 -30.66 -4.45
C ALA A 349 24.58 -30.97 -3.23
N GLU A 350 25.73 -31.61 -3.44
CA GLU A 350 26.59 -32.05 -2.34
C GLU A 350 27.52 -30.97 -1.80
N GLY A 351 27.72 -29.91 -2.57
CA GLY A 351 28.72 -28.93 -2.21
C GLY A 351 30.08 -29.50 -2.56
N LYS A 352 30.26 -29.76 -3.85
CA LYS A 352 31.54 -30.21 -4.39
C LYS A 352 31.66 -29.70 -5.82
N THR A 353 31.26 -28.43 -6.01
CA THR A 353 31.45 -27.75 -7.27
C THR A 353 32.88 -27.24 -7.49
N GLY A 354 33.68 -27.26 -6.43
CA GLY A 354 35.07 -26.83 -6.53
C GLY A 354 35.20 -25.34 -6.45
N PHE A 355 34.06 -24.68 -6.24
CA PHE A 355 33.98 -23.24 -6.07
C PHE A 355 33.53 -22.95 -4.66
N PRO A 356 34.48 -22.68 -3.76
CA PRO A 356 34.30 -22.48 -2.31
C PRO A 356 33.12 -21.59 -1.88
N TRP A 357 32.76 -20.60 -2.66
CA TRP A 357 31.64 -19.73 -2.28
C TRP A 357 30.33 -20.49 -2.39
N ILE A 358 30.17 -21.23 -3.48
CA ILE A 358 29.01 -22.07 -3.71
C ILE A 358 28.97 -23.27 -2.75
N ASP A 359 30.07 -24.02 -2.73
CA ASP A 359 30.19 -25.23 -1.91
C ASP A 359 29.91 -25.04 -0.41
N ALA A 360 30.07 -23.81 0.08
CA ALA A 360 29.91 -23.53 1.50
C ALA A 360 28.49 -23.11 1.80
N ILE A 361 27.81 -22.57 0.79
CA ILE A 361 26.39 -22.25 0.92
C ILE A 361 25.64 -23.55 0.90
N MET A 362 26.05 -24.44 0.01
CA MET A 362 25.40 -25.74 -0.11
C MET A 362 25.68 -26.60 1.11
N THR A 363 26.81 -26.39 1.75
CA THR A 363 27.15 -27.18 2.91
C THR A 363 26.34 -26.72 4.13
N GLN A 364 26.27 -25.40 4.31
CA GLN A 364 25.43 -24.79 5.35
C GLN A 364 23.97 -25.19 5.23
N LEU A 365 23.46 -25.11 3.99
CA LEU A 365 22.09 -25.51 3.68
C LEU A 365 21.81 -26.89 4.20
N ARG A 366 22.72 -27.82 3.91
CA ARG A 366 22.58 -29.19 4.33
C ARG A 366 22.74 -29.40 5.83
N GLN A 367 23.73 -28.78 6.46
CA GLN A 367 23.84 -29.03 7.89
C GLN A 367 22.64 -28.39 8.61
N GLU A 368 22.36 -27.13 8.29
CA GLU A 368 21.53 -26.27 9.13
C GLU A 368 20.09 -26.13 8.69
N GLY A 369 19.87 -26.05 7.38
CA GLY A 369 18.54 -26.03 6.83
C GLY A 369 18.04 -24.67 6.38
N TRP A 370 18.94 -23.71 6.25
CA TRP A 370 18.59 -22.35 5.88
C TRP A 370 19.81 -21.69 5.30
N ILE A 371 19.61 -20.86 4.30
CA ILE A 371 20.66 -19.97 3.83
C ILE A 371 20.05 -18.60 3.56
N HIS A 372 20.89 -17.59 3.42
CA HIS A 372 20.39 -16.24 3.19
C HIS A 372 19.91 -16.14 1.76
N HIS A 373 18.86 -15.36 1.51
CA HIS A 373 18.29 -15.29 0.16
C HIS A 373 19.30 -14.93 -0.92
N LEU A 374 20.35 -14.20 -0.58
CA LEU A 374 21.39 -13.88 -1.55
C LEU A 374 22.35 -15.03 -1.70
N ALA A 375 22.50 -15.83 -0.65
CA ALA A 375 23.21 -17.08 -0.79
C ALA A 375 22.38 -17.99 -1.71
N ARG A 376 21.05 -17.90 -1.60
CA ARG A 376 20.13 -18.64 -2.47
C ARG A 376 20.32 -18.20 -3.91
N HIS A 377 20.24 -16.90 -4.13
CA HIS A 377 20.44 -16.30 -5.46
C HIS A 377 21.75 -16.75 -6.11
N ALA A 378 22.81 -16.82 -5.33
CA ALA A 378 24.12 -17.15 -5.87
C ALA A 378 24.17 -18.61 -6.28
N VAL A 379 23.57 -19.44 -5.45
CA VAL A 379 23.55 -20.89 -5.63
C VAL A 379 22.56 -21.27 -6.74
N ALA A 380 21.46 -20.53 -6.87
CA ALA A 380 20.48 -20.79 -7.93
C ALA A 380 21.02 -20.39 -9.28
N CYS A 381 21.84 -19.34 -9.28
CA CYS A 381 22.50 -18.83 -10.48
C CYS A 381 23.54 -19.79 -11.01
N PHE A 382 24.35 -20.35 -10.10
CA PHE A 382 25.43 -21.23 -10.53
C PHE A 382 24.91 -22.47 -11.27
N LEU A 383 23.73 -22.94 -10.89
CA LEU A 383 23.19 -24.20 -11.38
C LEU A 383 22.40 -23.96 -12.65
N THR A 384 21.64 -22.87 -12.68
CA THR A 384 20.80 -22.60 -13.83
C THR A 384 21.55 -21.74 -14.85
N ARG A 385 21.11 -20.49 -14.97
CA ARG A 385 21.57 -19.57 -16.01
C ARG A 385 23.08 -19.31 -16.06
N GLY A 386 23.71 -19.30 -14.89
CA GLY A 386 25.09 -18.86 -14.76
C GLY A 386 26.18 -19.72 -15.34
N ASP A 387 26.14 -21.03 -15.11
CA ASP A 387 27.32 -21.87 -15.33
C ASP A 387 27.07 -23.32 -15.77
N LEU A 388 26.05 -23.98 -15.23
CA LEU A 388 25.81 -25.40 -15.52
C LEU A 388 24.60 -25.68 -16.41
N TRP A 389 23.77 -24.67 -16.64
CA TRP A 389 22.57 -24.84 -17.44
C TRP A 389 21.70 -26.06 -17.07
N VAL A 390 21.55 -26.34 -15.76
CA VAL A 390 20.66 -27.43 -15.31
C VAL A 390 19.29 -26.86 -14.94
N SER A 391 18.21 -27.59 -15.24
CA SER A 391 16.88 -27.05 -15.03
C SER A 391 16.57 -26.67 -13.60
N TRP A 392 16.04 -25.47 -13.44
CA TRP A 392 15.68 -24.91 -12.16
C TRP A 392 14.80 -25.87 -11.36
N GLU A 393 13.98 -26.66 -12.06
CA GLU A 393 13.00 -27.50 -11.36
C GLU A 393 13.69 -28.62 -10.62
N SER A 394 14.98 -28.76 -10.88
CA SER A 394 15.85 -29.67 -10.15
C SER A 394 16.39 -29.00 -8.87
N GLY A 395 16.73 -27.72 -8.97
CA GLY A 395 17.12 -26.95 -7.80
C GLY A 395 16.00 -26.97 -6.77
N VAL A 396 14.77 -26.83 -7.26
CA VAL A 396 13.56 -26.88 -6.44
C VAL A 396 13.46 -28.22 -5.71
N ARG A 397 13.78 -29.30 -6.41
CA ARG A 397 13.80 -30.63 -5.84
C ARG A 397 14.83 -30.72 -4.70
N VAL A 398 16.05 -30.26 -4.98
CA VAL A 398 17.11 -30.30 -3.98
C VAL A 398 16.76 -29.49 -2.73
N PHE A 399 16.17 -28.31 -2.91
CA PHE A 399 15.75 -27.44 -1.80
C PHE A 399 14.50 -27.95 -1.06
N ASP A 400 13.66 -28.68 -1.76
CA ASP A 400 12.44 -29.19 -1.16
C ASP A 400 12.77 -30.13 -0.01
N GLU A 401 13.87 -30.88 -0.12
CA GLU A 401 14.34 -31.73 0.98
C GLU A 401 15.25 -30.99 2.00
N LEU A 402 15.95 -29.97 1.54
CA LEU A 402 16.97 -29.32 2.36
C LEU A 402 16.50 -28.06 3.11
N LEU A 403 15.69 -27.22 2.47
CA LEU A 403 15.44 -25.87 2.96
C LEU A 403 14.19 -25.79 3.85
N LEU A 404 14.38 -25.45 5.13
CA LEU A 404 13.28 -25.29 6.08
C LEU A 404 12.06 -24.47 5.61
N ASP A 405 12.28 -23.39 4.87
CA ASP A 405 11.19 -22.48 4.50
C ASP A 405 10.68 -22.69 3.06
N ALA A 406 11.14 -23.74 2.42
CA ALA A 406 10.68 -24.10 1.09
C ALA A 406 9.34 -24.79 1.14
N ASP A 407 8.54 -24.53 0.13
CA ASP A 407 7.32 -25.28 -0.13
C ASP A 407 6.96 -25.09 -1.60
N PHE A 408 5.88 -25.74 -2.03
CA PHE A 408 5.48 -25.83 -3.43
C PHE A 408 5.57 -24.49 -4.18
N SER A 409 4.78 -23.53 -3.71
CA SER A 409 4.63 -22.23 -4.35
C SER A 409 5.85 -21.29 -4.18
N VAL A 410 6.29 -21.15 -2.94
CA VAL A 410 7.40 -20.25 -2.57
C VAL A 410 8.75 -20.61 -3.17
N ASN A 411 9.02 -21.91 -3.23
CA ASN A 411 10.31 -22.42 -3.65
C ASN A 411 10.37 -22.42 -5.18
N ALA A 412 9.31 -22.88 -5.84
CA ALA A 412 9.36 -22.87 -7.29
C ALA A 412 9.25 -21.45 -7.84
N GLY A 413 8.36 -20.64 -7.27
CA GLY A 413 8.21 -19.26 -7.72
C GLY A 413 9.54 -18.53 -7.76
N SER A 414 10.20 -18.55 -6.63
CA SER A 414 11.55 -18.05 -6.49
C SER A 414 12.53 -18.57 -7.55
N TRP A 415 12.49 -19.86 -7.85
CA TRP A 415 13.47 -20.42 -8.77
C TRP A 415 13.19 -20.03 -10.20
N MET A 416 11.92 -19.86 -10.52
CA MET A 416 11.59 -19.36 -11.85
C MET A 416 12.17 -17.99 -12.11
N TRP A 417 11.97 -17.06 -11.19
CA TRP A 417 12.55 -15.74 -11.36
C TRP A 417 14.07 -15.77 -11.46
N LEU A 418 14.74 -16.34 -10.48
CA LEU A 418 16.21 -16.43 -10.45
C LEU A 418 16.86 -16.94 -11.75
N SER A 419 16.22 -17.92 -12.39
CA SER A 419 16.79 -18.55 -13.58
C SER A 419 16.49 -17.76 -14.85
N CYS A 420 15.58 -16.80 -14.71
CA CYS A 420 15.10 -15.92 -15.79
C CYS A 420 14.03 -16.63 -16.58
N SER A 421 13.10 -17.26 -15.88
CA SER A 421 12.10 -18.13 -16.49
C SER A 421 10.71 -17.59 -16.22
N ALA A 422 10.63 -16.54 -15.42
CA ALA A 422 9.33 -16.00 -15.11
C ALA A 422 9.42 -14.49 -15.06
N PHE A 423 8.27 -13.83 -14.93
CA PHE A 423 8.19 -12.40 -15.18
C PHE A 423 7.70 -11.66 -13.95
N PHE A 424 8.02 -12.21 -12.78
CA PHE A 424 7.58 -11.61 -11.53
C PHE A 424 8.29 -10.28 -11.30
N GLN A 425 9.49 -10.14 -11.85
CA GLN A 425 10.32 -8.96 -11.59
C GLN A 425 11.50 -8.81 -12.53
N GLN A 426 12.14 -7.65 -12.40
CA GLN A 426 13.31 -7.32 -13.20
C GLN A 426 14.48 -8.28 -12.99
N PHE A 427 15.01 -8.76 -14.10
CA PHE A 427 16.16 -9.64 -14.05
C PHE A 427 17.36 -8.86 -13.56
N PHE A 428 18.48 -9.56 -13.42
CA PHE A 428 19.66 -8.97 -12.82
C PHE A 428 20.85 -9.84 -13.18
N HIS A 429 22.02 -9.24 -13.31
CA HIS A 429 23.25 -9.96 -13.68
C HIS A 429 23.50 -11.24 -12.88
N CYS A 430 24.28 -12.14 -13.44
CA CYS A 430 24.59 -13.40 -12.78
C CYS A 430 25.61 -13.14 -11.69
N TYR A 431 25.26 -13.46 -10.46
CA TYR A 431 26.25 -13.42 -9.41
C TYR A 431 27.45 -14.27 -9.84
N CYS A 432 28.62 -13.93 -9.33
CA CYS A 432 29.80 -14.67 -9.69
C CYS A 432 30.12 -15.71 -8.60
N PRO A 433 30.50 -16.93 -9.01
CA PRO A 433 30.90 -17.94 -8.04
C PRO A 433 32.17 -17.60 -7.26
N VAL A 434 32.94 -16.65 -7.74
CA VAL A 434 34.19 -16.31 -7.06
C VAL A 434 34.21 -14.87 -6.56
N GLY A 435 33.64 -13.95 -7.33
CA GLY A 435 33.65 -12.55 -6.97
C GLY A 435 32.66 -12.14 -5.91
N PHE A 436 31.40 -12.53 -6.10
CA PHE A 436 30.29 -12.12 -5.23
C PHE A 436 30.44 -12.58 -3.80
N GLY A 437 31.22 -13.63 -3.59
CA GLY A 437 31.60 -13.97 -2.25
C GLY A 437 32.55 -12.92 -1.69
N ARG A 438 33.76 -12.84 -2.25
CA ARG A 438 34.83 -11.99 -1.71
C ARG A 438 34.42 -10.52 -1.53
N ARG A 439 33.37 -10.10 -2.23
CA ARG A 439 32.77 -8.81 -1.94
C ARG A 439 32.05 -8.93 -0.59
N THR A 440 31.09 -9.86 -0.56
CA THR A 440 30.16 -10.10 0.56
C THR A 440 30.84 -10.41 1.90
N ASP A 441 31.73 -11.39 1.88
CA ASP A 441 32.58 -11.67 3.03
C ASP A 441 34.02 -11.84 2.56
N PRO A 442 34.81 -10.75 2.60
CA PRO A 442 36.21 -10.74 2.19
C PRO A 442 37.08 -11.61 3.08
N SER A 443 36.78 -11.57 4.37
CA SER A 443 37.55 -12.31 5.37
C SER A 443 37.72 -13.77 4.99
N GLY A 444 36.66 -14.36 4.44
CA GLY A 444 36.64 -15.77 4.14
C GLY A 444 36.21 -16.55 5.37
N ASP A 445 35.75 -15.83 6.39
CA ASP A 445 35.33 -16.44 7.66
C ASP A 445 34.28 -17.50 7.45
N TYR A 446 33.25 -17.15 6.70
CA TYR A 446 32.20 -18.06 6.25
C TYR A 446 32.74 -19.35 5.60
N ILE A 447 33.56 -19.22 4.57
CA ILE A 447 34.10 -20.38 3.88
C ILE A 447 34.92 -21.31 4.77
N ARG A 448 35.79 -20.74 5.59
CA ARG A 448 36.57 -21.55 6.52
C ARG A 448 35.67 -22.32 7.48
N ARG A 449 34.55 -21.69 7.87
CA ARG A 449 33.55 -22.31 8.75
C ARG A 449 32.93 -23.58 8.19
N TYR A 450 32.46 -23.50 6.95
CA TYR A 450 31.73 -24.62 6.38
C TYR A 450 32.63 -25.56 5.57
N LEU A 451 33.77 -25.06 5.13
CA LEU A 451 34.76 -25.89 4.45
C LEU A 451 36.11 -25.91 5.18
N PRO A 452 36.23 -26.74 6.24
CA PRO A 452 37.45 -26.73 7.07
C PRO A 452 38.64 -27.41 6.42
N LYS A 453 38.46 -27.97 5.23
CA LYS A 453 39.58 -28.44 4.43
C LYS A 453 40.30 -27.21 3.86
N LEU A 454 39.67 -26.04 4.01
CA LEU A 454 40.22 -24.81 3.47
C LEU A 454 40.53 -23.74 4.52
N LYS A 455 40.78 -24.17 5.77
CA LYS A 455 41.09 -23.25 6.86
C LYS A 455 42.41 -22.53 6.62
N GLY A 456 43.47 -23.31 6.45
CA GLY A 456 44.79 -22.75 6.23
C GLY A 456 45.03 -22.20 4.83
N PHE A 457 44.07 -21.47 4.30
CA PHE A 457 44.25 -20.76 3.03
C PHE A 457 44.03 -19.27 3.25
N PRO A 458 44.90 -18.44 2.68
CA PRO A 458 44.74 -16.98 2.81
C PRO A 458 43.51 -16.50 2.04
N SER A 459 42.76 -15.58 2.64
CA SER A 459 41.55 -15.02 2.03
C SER A 459 41.82 -14.55 0.61
N ARG A 460 43.05 -14.09 0.37
CA ARG A 460 43.48 -13.64 -0.95
C ARG A 460 43.23 -14.72 -2.00
N TYR A 461 43.65 -15.93 -1.67
CA TYR A 461 43.55 -17.02 -2.62
C TYR A 461 42.22 -17.76 -2.48
N ILE A 462 41.67 -17.78 -1.27
CA ILE A 462 40.66 -18.76 -0.87
C ILE A 462 39.42 -18.93 -1.77
N TYR A 463 38.90 -17.85 -2.35
CA TYR A 463 37.72 -17.99 -3.20
C TYR A 463 38.07 -18.67 -4.52
N GLU A 464 39.35 -18.69 -4.84
CA GLU A 464 39.87 -19.38 -6.00
C GLU A 464 41.14 -20.16 -5.67
N PRO A 465 41.00 -21.34 -5.06
CA PRO A 465 42.14 -22.19 -4.66
C PRO A 465 42.89 -22.83 -5.81
N TRP A 466 42.39 -22.74 -7.04
CA TRP A 466 43.09 -23.32 -8.19
C TRP A 466 44.17 -22.38 -8.72
N ASN A 467 43.79 -21.11 -8.92
CA ASN A 467 44.74 -20.07 -9.29
C ASN A 467 45.39 -19.44 -8.06
N ALA A 468 45.98 -20.28 -7.22
CA ALA A 468 46.76 -19.82 -6.07
C ALA A 468 48.06 -20.60 -6.07
N PRO A 469 49.20 -19.88 -5.99
CA PRO A 469 50.56 -20.42 -6.04
C PRO A 469 50.69 -21.82 -5.41
N GLU A 470 51.14 -22.76 -6.21
CA GLU A 470 51.28 -24.16 -5.80
C GLU A 470 51.85 -24.35 -4.39
N SER A 471 52.88 -23.58 -4.03
CA SER A 471 53.51 -23.71 -2.72
C SER A 471 52.47 -23.71 -1.59
N VAL A 472 51.51 -22.81 -1.69
CA VAL A 472 50.43 -22.70 -0.72
C VAL A 472 49.61 -23.98 -0.62
N GLN A 473 49.11 -24.48 -1.76
CA GLN A 473 48.30 -25.71 -1.75
C GLN A 473 49.07 -26.89 -1.18
N LYS A 474 50.39 -26.84 -1.30
CA LYS A 474 51.25 -27.84 -0.70
C LYS A 474 51.33 -27.58 0.81
N ALA A 475 51.46 -26.31 1.17
CA ALA A 475 51.61 -25.88 2.56
C ALA A 475 50.28 -25.44 3.18
N ALA A 476 49.21 -26.10 2.77
CA ALA A 476 47.89 -25.82 3.32
C ALA A 476 47.18 -27.14 3.58
N LYS A 477 47.94 -28.22 3.54
CA LYS A 477 47.46 -29.55 3.93
C LYS A 477 46.32 -30.08 3.04
N CYS A 478 45.86 -29.24 2.11
CA CYS A 478 44.87 -29.64 1.11
C CYS A 478 45.34 -29.18 -0.26
N ILE A 479 45.46 -30.13 -1.19
CA ILE A 479 45.86 -29.83 -2.55
C ILE A 479 44.67 -30.02 -3.48
N ILE A 480 44.52 -29.14 -4.45
CA ILE A 480 43.38 -29.17 -5.36
C ILE A 480 43.29 -30.42 -6.26
N GLY A 481 42.18 -31.14 -6.16
CA GLY A 481 41.94 -32.33 -6.96
C GLY A 481 42.18 -33.58 -6.15
N VAL A 482 42.63 -33.40 -4.92
CA VAL A 482 43.01 -34.53 -4.06
C VAL A 482 42.30 -34.49 -2.70
N ASP A 483 42.17 -33.30 -2.10
CA ASP A 483 41.48 -33.15 -0.82
C ASP A 483 40.26 -32.25 -0.98
N TYR A 484 40.24 -31.46 -2.06
CA TYR A 484 39.13 -30.57 -2.38
C TYR A 484 38.89 -30.61 -3.89
N PRO A 485 37.64 -30.43 -4.33
CA PRO A 485 37.34 -30.60 -5.76
C PRO A 485 38.02 -29.60 -6.67
N ARG A 486 38.57 -30.10 -7.79
CA ARG A 486 38.96 -29.25 -8.90
C ARG A 486 37.68 -28.64 -9.52
N PRO A 487 37.73 -27.35 -9.86
CA PRO A 487 36.60 -26.52 -10.32
C PRO A 487 35.76 -27.19 -11.40
N ILE A 488 34.46 -27.41 -11.14
CA ILE A 488 33.56 -28.06 -12.09
C ILE A 488 33.74 -27.57 -13.52
N VAL A 489 33.69 -26.25 -13.68
CA VAL A 489 33.95 -25.59 -14.95
C VAL A 489 34.96 -24.49 -14.62
N ASN A 490 35.34 -23.68 -15.61
CA ASN A 490 35.85 -22.37 -15.25
C ASN A 490 34.92 -21.26 -15.70
N HIS A 491 34.72 -20.30 -14.79
CA HIS A 491 33.58 -19.42 -14.87
C HIS A 491 33.44 -18.65 -16.18
N ALA A 492 34.41 -17.76 -16.46
CA ALA A 492 34.37 -16.91 -17.64
C ALA A 492 34.16 -17.75 -18.89
N GLU A 493 34.96 -18.81 -19.01
CA GLU A 493 34.87 -19.78 -20.10
C GLU A 493 33.44 -20.18 -20.41
N THR A 494 32.80 -20.82 -19.45
CA THR A 494 31.44 -21.31 -19.63
C THR A 494 30.38 -20.19 -19.53
N SER A 495 30.62 -19.17 -18.72
CA SER A 495 29.65 -18.09 -18.59
C SER A 495 29.59 -17.21 -19.85
N ARG A 496 30.67 -17.24 -20.63
CA ARG A 496 30.74 -16.51 -21.89
C ARG A 496 29.80 -17.11 -22.93
N LEU A 497 29.44 -18.37 -22.72
CA LEU A 497 28.70 -19.13 -23.71
C LEU A 497 27.22 -19.23 -23.39
N ASN A 498 26.89 -19.32 -22.10
CA ASN A 498 25.50 -19.42 -21.67
C ASN A 498 24.76 -18.11 -21.86
N ILE A 499 25.48 -17.01 -21.67
CA ILE A 499 24.88 -15.69 -21.85
C ILE A 499 24.38 -15.48 -23.30
N GLU A 500 25.12 -16.04 -24.25
CA GLU A 500 24.72 -15.98 -25.64
C GLU A 500 23.54 -16.90 -25.86
N ARG A 501 23.57 -18.08 -25.24
CA ARG A 501 22.45 -19.02 -25.28
C ARG A 501 21.25 -18.38 -24.62
N MET A 502 21.51 -17.57 -23.62
CA MET A 502 20.42 -16.87 -22.95
C MET A 502 19.82 -15.81 -23.86
N LYS A 503 20.68 -15.04 -24.51
CA LYS A 503 20.20 -14.03 -25.47
C LYS A 503 19.43 -14.71 -26.59
N GLN A 504 19.93 -15.83 -27.08
CA GLN A 504 19.25 -16.58 -28.14
C GLN A 504 17.80 -16.96 -27.81
N ILE A 505 17.56 -17.39 -26.59
CA ILE A 505 16.22 -17.77 -26.17
C ILE A 505 15.31 -16.55 -26.17
N TYR A 506 15.95 -15.40 -25.96
CA TYR A 506 15.28 -14.11 -25.84
C TYR A 506 15.17 -13.38 -27.18
N GLN A 507 16.22 -13.44 -27.99
CA GLN A 507 16.15 -12.98 -29.37
C GLN A 507 14.97 -13.68 -30.01
N GLN A 508 15.10 -14.99 -30.16
CA GLN A 508 14.05 -15.84 -30.70
C GLN A 508 12.97 -16.11 -29.66
N LEU A 509 12.21 -15.07 -29.33
CA LEU A 509 11.17 -15.13 -28.31
C LEU A 509 10.12 -14.09 -28.66
N SER A 510 8.89 -14.54 -28.82
CA SER A 510 7.79 -13.68 -29.28
C SER A 510 6.50 -13.98 -28.53
N ALA B 21 14.06 40.16 -24.16
CA ALA B 21 13.97 40.51 -22.75
C ALA B 21 13.92 39.23 -21.92
N SER B 22 14.87 39.06 -21.02
CA SER B 22 14.83 37.92 -20.11
C SER B 22 13.66 38.12 -19.16
N SER B 23 12.67 37.24 -19.23
CA SER B 23 11.50 37.33 -18.36
C SER B 23 11.13 35.94 -17.82
N VAL B 24 10.43 35.96 -16.70
CA VAL B 24 10.18 34.74 -15.97
C VAL B 24 8.74 34.69 -15.51
N HIS B 25 7.98 33.72 -16.03
CA HIS B 25 6.62 33.45 -15.54
C HIS B 25 6.60 32.40 -14.42
N TRP B 26 6.06 32.81 -13.29
CA TRP B 26 6.06 32.01 -12.08
C TRP B 26 4.70 31.37 -11.88
N PHE B 27 4.67 30.05 -11.90
CA PHE B 27 3.45 29.28 -11.68
C PHE B 27 3.35 28.92 -10.21
N ARG B 28 2.18 29.14 -9.63
CA ARG B 28 1.87 28.63 -8.29
C ARG B 28 0.52 27.94 -8.35
N LYS B 29 -0.54 28.72 -8.49
CA LYS B 29 -1.75 28.24 -9.13
C LYS B 29 -1.59 28.62 -10.59
N GLY B 30 -2.68 28.98 -11.26
CA GLY B 30 -2.70 29.11 -12.72
C GLY B 30 -1.95 28.08 -13.56
N LEU B 31 -2.02 26.81 -13.18
CA LEU B 31 -1.25 25.75 -13.85
C LEU B 31 -1.78 25.37 -15.25
N ARG B 32 -1.83 26.37 -16.13
CA ARG B 32 -2.35 26.17 -17.47
C ARG B 32 -1.61 27.08 -18.45
N LEU B 33 -1.58 26.68 -19.71
CA LEU B 33 -1.16 27.62 -20.76
C LEU B 33 -2.35 28.47 -21.25
N HIS B 34 -3.56 27.90 -21.23
CA HIS B 34 -4.77 28.58 -21.69
C HIS B 34 -5.30 29.63 -20.71
N ASP B 35 -5.83 30.73 -21.24
CA ASP B 35 -6.31 31.87 -20.45
C ASP B 35 -5.31 32.18 -19.37
N ASN B 36 -4.04 32.21 -19.76
CA ASN B 36 -3.03 32.61 -18.81
C ASN B 36 -2.39 33.84 -19.38
N PRO B 37 -3.01 34.99 -19.12
CA PRO B 37 -2.57 36.22 -19.75
C PRO B 37 -1.29 36.74 -19.13
N ALA B 38 -0.86 36.16 -18.01
CA ALA B 38 0.39 36.59 -17.36
C ALA B 38 1.57 35.99 -18.08
N LEU B 39 1.38 34.78 -18.62
CA LEU B 39 2.40 34.18 -19.47
C LEU B 39 2.42 34.90 -20.82
N LEU B 40 1.28 35.47 -21.21
CA LEU B 40 1.20 36.30 -22.41
C LEU B 40 1.95 37.61 -22.21
N ALA B 41 1.84 38.18 -21.01
CA ALA B 41 2.55 39.41 -20.65
C ALA B 41 4.07 39.23 -20.65
N ALA B 42 4.54 38.18 -19.96
CA ALA B 42 5.97 37.91 -19.84
C ALA B 42 6.66 37.68 -21.18
N VAL B 43 5.87 37.29 -22.17
CA VAL B 43 6.41 36.89 -23.47
C VAL B 43 6.16 37.98 -24.53
N ARG B 44 5.47 39.03 -24.11
CA ARG B 44 5.19 40.18 -24.99
C ARG B 44 6.47 40.93 -25.32
N GLY B 45 6.99 40.71 -26.53
CA GLY B 45 8.24 41.31 -26.95
C GLY B 45 9.40 40.85 -26.10
N ALA B 46 9.71 39.56 -26.17
CA ALA B 46 10.71 38.95 -25.30
C ALA B 46 11.59 37.93 -26.00
N ARG B 47 12.89 38.14 -25.88
CA ARG B 47 13.90 37.27 -26.47
C ARG B 47 13.82 35.83 -25.93
N CYS B 48 13.81 35.69 -24.61
CA CYS B 48 13.63 34.39 -23.99
C CYS B 48 12.82 34.44 -22.68
N VAL B 49 11.87 33.52 -22.55
CA VAL B 49 11.06 33.41 -21.35
C VAL B 49 11.26 32.05 -20.70
N ARG B 50 11.51 32.05 -19.40
CA ARG B 50 11.63 30.81 -18.63
C ARG B 50 10.49 30.68 -17.63
N CYS B 51 9.85 29.51 -17.64
CA CYS B 51 8.75 29.20 -16.74
C CYS B 51 9.19 28.45 -15.49
N VAL B 52 8.76 28.92 -14.33
CA VAL B 52 9.16 28.24 -13.12
C VAL B 52 8.01 27.89 -12.17
N TYR B 53 8.11 26.71 -11.57
CA TYR B 53 7.39 26.42 -10.35
C TYR B 53 8.45 26.26 -9.27
N ILE B 54 8.22 26.84 -8.09
CA ILE B 54 9.20 26.76 -7.00
C ILE B 54 8.70 25.88 -5.85
N LEU B 55 9.53 24.93 -5.48
CA LEU B 55 9.16 23.96 -4.49
C LEU B 55 10.44 23.59 -3.78
N ASP B 56 10.39 23.39 -2.48
CA ASP B 56 11.49 22.62 -1.88
C ASP B 56 10.93 21.33 -1.37
N PRO B 57 11.10 20.25 -2.15
CA PRO B 57 10.58 18.90 -1.91
C PRO B 57 10.95 18.41 -0.51
N TRP B 58 12.03 18.97 0.00
CA TRP B 58 12.67 18.51 1.22
C TRP B 58 11.79 18.82 2.44
N PHE B 59 11.03 19.90 2.38
CA PHE B 59 10.18 20.27 3.49
C PHE B 59 8.74 20.67 3.10
N ALA B 60 8.43 20.61 1.81
CA ALA B 60 7.13 20.96 1.27
C ALA B 60 6.00 20.22 1.97
N ALA B 61 6.08 18.89 1.87
CA ALA B 61 5.01 17.98 2.26
C ALA B 61 4.83 17.90 3.76
N SER B 62 3.60 18.12 4.20
CA SER B 62 3.25 18.22 5.62
C SER B 62 3.03 16.91 6.38
N SER B 63 2.73 15.80 5.68
CA SER B 63 2.35 14.58 6.40
C SER B 63 2.18 13.32 5.56
N SER B 64 2.17 12.19 6.26
CA SER B 64 2.12 10.89 5.65
C SER B 64 0.76 10.61 5.01
N VAL B 65 -0.18 11.53 5.17
CA VAL B 65 -1.57 11.28 4.82
C VAL B 65 -2.05 12.06 3.58
N GLY B 66 -1.18 12.92 3.06
CA GLY B 66 -1.53 13.90 2.03
C GLY B 66 -0.98 13.69 0.65
N ILE B 67 -0.84 12.43 0.28
CA ILE B 67 -0.42 11.99 -1.05
C ILE B 67 -1.21 12.55 -2.23
N ASN B 68 -2.54 12.51 -2.12
CA ASN B 68 -3.39 12.88 -3.26
C ASN B 68 -3.16 14.31 -3.81
N ARG B 69 -3.05 15.29 -2.91
CA ARG B 69 -2.82 16.65 -3.38
C ARG B 69 -1.45 16.85 -4.03
N TRP B 70 -0.44 16.15 -3.53
CA TRP B 70 0.89 16.29 -4.11
C TRP B 70 1.04 15.53 -5.39
N ARG B 71 0.31 14.41 -5.47
CA ARG B 71 0.26 13.65 -6.72
C ARG B 71 -0.43 14.49 -7.79
N PHE B 72 -1.51 15.14 -7.37
CA PHE B 72 -2.21 16.01 -8.29
C PHE B 72 -1.31 17.15 -8.73
N LEU B 73 -0.58 17.74 -7.80
CA LEU B 73 0.27 18.88 -8.15
C LEU B 73 1.38 18.46 -9.09
N LEU B 74 1.96 17.29 -8.85
CA LEU B 74 3.08 16.80 -9.63
C LEU B 74 2.65 16.40 -11.03
N GLN B 75 1.49 15.79 -11.16
CA GLN B 75 0.93 15.54 -12.50
C GLN B 75 0.65 16.86 -13.27
N SER B 76 0.30 17.91 -12.54
CA SER B 76 0.02 19.17 -13.18
C SER B 76 1.30 19.78 -13.71
N LEU B 77 2.35 19.76 -12.90
CA LEU B 77 3.64 20.29 -13.31
C LEU B 77 4.19 19.48 -14.48
N GLU B 78 4.07 18.16 -14.36
CA GLU B 78 4.48 17.26 -15.40
C GLU B 78 3.73 17.56 -16.71
N ASP B 79 2.41 17.76 -16.67
CA ASP B 79 1.65 18.14 -17.88
C ASP B 79 2.11 19.49 -18.42
N LEU B 80 2.23 20.46 -17.52
CA LEU B 80 2.74 21.78 -17.86
C LEU B 80 4.07 21.64 -18.59
N ASP B 81 4.91 20.73 -18.10
CA ASP B 81 6.20 20.47 -18.72
C ASP B 81 6.03 19.91 -20.14
N THR B 82 5.31 18.81 -20.29
CA THR B 82 5.19 18.21 -21.63
C THR B 82 4.49 19.09 -22.70
N SER B 83 3.55 19.95 -22.31
CA SER B 83 2.88 20.80 -23.29
C SER B 83 3.72 22.03 -23.55
N LEU B 84 4.66 22.26 -22.65
CA LEU B 84 5.66 23.30 -22.82
C LEU B 84 6.89 22.75 -23.55
N ARG B 85 6.96 21.42 -23.71
CA ARG B 85 7.98 20.80 -24.54
C ARG B 85 7.63 21.00 -26.01
N LYS B 86 6.33 20.89 -26.30
CA LYS B 86 5.75 21.20 -27.62
C LYS B 86 6.07 22.64 -28.05
N LEU B 87 6.64 23.41 -27.15
CA LEU B 87 7.09 24.76 -27.48
C LEU B 87 8.62 24.83 -27.41
N ASN B 88 9.27 23.66 -27.58
CA ASN B 88 10.74 23.50 -27.54
C ASN B 88 11.40 24.09 -26.30
N SER B 89 10.58 24.37 -25.29
CA SER B 89 11.04 24.89 -24.02
C SER B 89 10.79 23.79 -23.00
N ARG B 90 10.98 24.09 -21.72
CA ARG B 90 10.62 23.14 -20.67
C ARG B 90 10.16 23.91 -19.44
N LEU B 91 9.67 23.16 -18.45
CA LEU B 91 9.30 23.74 -17.17
C LEU B 91 10.49 23.68 -16.21
N PHE B 92 10.76 24.78 -15.51
CA PHE B 92 11.88 24.80 -14.57
C PHE B 92 11.41 24.73 -13.11
N VAL B 93 11.30 23.54 -12.55
CA VAL B 93 11.01 23.43 -11.11
C VAL B 93 12.26 23.71 -10.31
N VAL B 94 12.24 24.81 -9.57
CA VAL B 94 13.42 25.33 -8.89
C VAL B 94 13.33 25.12 -7.39
N ARG B 95 14.16 24.22 -6.88
CA ARG B 95 14.21 23.95 -5.46
C ARG B 95 14.67 25.13 -4.59
N GLY B 96 13.72 25.72 -3.87
CA GLY B 96 14.04 26.58 -2.76
C GLY B 96 12.89 27.47 -2.31
N GLN B 97 13.22 28.62 -1.74
CA GLN B 97 12.21 29.55 -1.27
C GLN B 97 12.14 30.74 -2.22
N PRO B 98 10.95 31.38 -2.31
CA PRO B 98 10.80 32.57 -3.15
C PRO B 98 11.79 33.64 -2.72
N ALA B 99 12.05 33.71 -1.40
CA ALA B 99 13.06 34.62 -0.87
C ALA B 99 14.47 34.33 -1.41
N ASP B 100 14.92 33.09 -1.30
CA ASP B 100 16.31 32.76 -1.61
C ASP B 100 16.54 32.20 -3.01
N VAL B 101 15.55 32.31 -3.88
CA VAL B 101 15.70 31.77 -5.22
C VAL B 101 15.71 32.89 -6.25
N PHE B 102 14.70 33.75 -6.19
CA PHE B 102 14.59 34.83 -7.18
C PHE B 102 15.82 35.75 -7.28
N PRO B 103 16.39 36.19 -6.14
CA PRO B 103 17.61 37.00 -6.20
C PRO B 103 18.69 36.37 -7.06
N ARG B 104 18.99 35.10 -6.81
CA ARG B 104 19.91 34.38 -7.68
C ARG B 104 19.36 34.32 -9.10
N LEU B 105 18.08 33.99 -9.22
CA LEU B 105 17.47 33.76 -10.54
C LEU B 105 17.41 35.01 -11.41
N PHE B 106 17.34 36.19 -10.79
CA PHE B 106 17.54 37.42 -11.55
C PHE B 106 18.98 37.39 -12.07
N LYS B 107 19.91 37.67 -11.16
CA LYS B 107 21.34 37.74 -11.43
C LYS B 107 21.88 36.70 -12.43
N GLU B 108 21.42 35.44 -12.31
CA GLU B 108 21.92 34.38 -13.17
C GLU B 108 21.27 34.40 -14.55
N TRP B 109 20.20 35.18 -14.67
CA TRP B 109 19.42 35.22 -15.91
C TRP B 109 19.12 36.64 -16.34
N GLY B 110 19.37 37.57 -15.42
CA GLY B 110 19.25 39.00 -15.66
C GLY B 110 17.84 39.48 -15.93
N VAL B 111 16.85 38.76 -15.42
CA VAL B 111 15.45 38.95 -15.82
C VAL B 111 14.87 40.37 -15.64
N THR B 112 14.39 40.94 -16.73
CA THR B 112 13.88 42.30 -16.71
C THR B 112 12.48 42.38 -16.11
N ARG B 113 11.70 41.31 -16.27
CA ARG B 113 10.37 41.28 -15.65
C ARG B 113 9.90 39.92 -15.12
N LEU B 114 9.26 39.97 -13.97
CA LEU B 114 8.64 38.82 -13.35
C LEU B 114 7.12 38.94 -13.49
N THR B 115 6.48 37.87 -13.94
CA THR B 115 5.03 37.85 -14.13
C THR B 115 4.39 36.61 -13.51
N PHE B 116 3.34 36.82 -12.73
CA PHE B 116 2.57 35.70 -12.21
C PHE B 116 1.08 36.02 -12.16
N GLU B 117 0.29 35.09 -11.64
CA GLU B 117 -1.15 35.26 -11.54
C GLU B 117 -1.50 35.79 -10.15
N TYR B 118 -2.25 36.88 -10.04
CA TYR B 118 -2.58 37.42 -8.72
C TYR B 118 -3.15 36.36 -7.74
N ASP B 119 -2.72 36.45 -6.48
CA ASP B 119 -3.25 35.60 -5.42
C ASP B 119 -3.94 36.51 -4.42
N SER B 120 -5.23 36.28 -4.24
CA SER B 120 -6.06 37.05 -3.34
C SER B 120 -5.88 36.70 -1.87
N GLU B 121 -5.35 35.52 -1.58
CA GLU B 121 -5.42 35.03 -0.22
C GLU B 121 -4.48 35.84 0.65
N PRO B 122 -4.95 36.24 1.85
CA PRO B 122 -4.25 37.17 2.75
C PRO B 122 -2.75 36.93 2.80
N PHE B 123 -2.32 35.71 3.12
CA PHE B 123 -0.88 35.41 3.24
C PHE B 123 -0.19 35.36 1.90
N GLY B 124 -0.96 35.17 0.84
CA GLY B 124 -0.41 35.19 -0.49
C GLY B 124 0.13 36.56 -0.86
N LYS B 125 -0.74 37.56 -0.81
CA LYS B 125 -0.36 38.94 -1.11
C LYS B 125 0.84 39.39 -0.27
N GLU B 126 0.78 39.10 1.04
CA GLU B 126 1.83 39.45 1.99
C GLU B 126 3.19 38.93 1.57
N ARG B 127 3.25 37.65 1.20
CA ARG B 127 4.45 37.10 0.61
C ARG B 127 4.73 37.74 -0.76
N ASP B 128 3.67 37.95 -1.52
CA ASP B 128 3.78 38.55 -2.84
C ASP B 128 4.22 40.00 -2.79
N ALA B 129 3.96 40.67 -1.68
CA ALA B 129 4.41 42.05 -1.52
C ALA B 129 5.93 42.06 -1.38
N ALA B 130 6.38 41.45 -0.30
CA ALA B 130 7.78 41.24 0.03
C ALA B 130 8.66 40.79 -1.14
N ILE B 131 8.08 40.06 -2.09
CA ILE B 131 8.83 39.60 -3.25
C ILE B 131 8.86 40.67 -4.34
N MET B 132 7.98 41.66 -4.23
CA MET B 132 7.90 42.69 -5.25
C MET B 132 8.84 43.83 -4.93
N LYS B 133 8.92 44.20 -3.66
CA LYS B 133 9.92 45.16 -3.19
C LYS B 133 11.33 44.66 -3.54
N MET B 134 11.51 43.34 -3.56
CA MET B 134 12.77 42.73 -3.91
C MET B 134 13.00 42.72 -5.44
N ALA B 135 11.93 42.92 -6.20
CA ALA B 135 12.08 43.02 -7.65
C ALA B 135 12.03 44.48 -8.10
N LYS B 136 11.74 45.39 -7.16
CA LYS B 136 11.91 46.83 -7.39
C LYS B 136 13.40 47.17 -7.32
N GLU B 137 14.06 46.73 -6.25
CA GLU B 137 15.52 46.73 -6.21
C GLU B 137 15.91 45.69 -7.24
N ALA B 138 17.18 45.69 -7.64
CA ALA B 138 17.66 44.81 -8.71
C ALA B 138 16.96 45.04 -10.06
N GLY B 139 16.00 45.97 -10.09
CA GLY B 139 15.45 46.53 -11.31
C GLY B 139 14.66 45.62 -12.24
N VAL B 140 13.59 45.04 -11.72
CA VAL B 140 12.78 44.07 -12.45
C VAL B 140 11.31 44.51 -12.48
N GLU B 141 10.64 44.45 -13.63
CA GLU B 141 9.22 44.83 -13.67
C GLU B 141 8.28 43.72 -13.17
N VAL B 142 7.15 44.13 -12.62
CA VAL B 142 6.12 43.22 -12.12
C VAL B 142 4.72 43.81 -12.34
N VAL B 143 3.98 43.27 -13.29
CA VAL B 143 2.53 43.48 -13.32
C VAL B 143 1.83 42.11 -13.36
N THR B 144 0.74 42.03 -12.61
CA THR B 144 0.16 40.76 -12.18
C THR B 144 -1.35 40.82 -12.15
N GLU B 145 -1.92 40.25 -13.20
CA GLU B 145 -3.35 40.20 -13.49
C GLU B 145 -3.97 38.97 -12.85
N ASN B 146 -5.26 39.05 -12.56
CA ASN B 146 -5.96 37.97 -11.89
C ASN B 146 -6.79 37.12 -12.86
N SER B 147 -6.46 35.85 -12.97
CA SER B 147 -7.18 34.97 -13.88
C SER B 147 -7.65 33.77 -13.09
N HIS B 148 -7.38 33.82 -11.80
CA HIS B 148 -7.79 32.76 -10.91
C HIS B 148 -9.25 32.92 -10.65
N THR B 149 -9.64 34.15 -10.37
CA THR B 149 -11.03 34.51 -10.15
C THR B 149 -11.64 35.18 -11.39
N LEU B 150 -12.96 35.26 -11.45
CA LEU B 150 -13.63 35.86 -12.60
C LEU B 150 -13.51 37.39 -12.59
N TYR B 151 -13.63 37.99 -11.41
CA TYR B 151 -13.59 39.45 -11.27
C TYR B 151 -12.29 39.97 -10.72
N ASP B 152 -12.26 41.28 -10.49
CA ASP B 152 -11.26 41.92 -9.68
C ASP B 152 -11.92 41.96 -8.31
N LEU B 153 -11.41 41.18 -7.38
CA LEU B 153 -12.09 41.05 -6.11
C LEU B 153 -12.06 42.36 -5.34
N ASP B 154 -11.01 43.17 -5.53
CA ASP B 154 -10.89 44.40 -4.76
C ASP B 154 -11.97 45.39 -5.21
N ARG B 155 -12.22 45.41 -6.52
CA ARG B 155 -13.25 46.24 -7.11
C ARG B 155 -14.65 45.87 -6.60
N ILE B 156 -14.90 44.60 -6.37
CA ILE B 156 -16.16 44.18 -5.77
C ILE B 156 -16.22 44.73 -4.36
N ILE B 157 -15.07 44.75 -3.68
CA ILE B 157 -15.05 45.14 -2.27
C ILE B 157 -15.22 46.65 -2.15
N GLU B 158 -14.62 47.38 -3.09
CA GLU B 158 -14.77 48.83 -3.19
C GLU B 158 -16.22 49.26 -3.40
N LEU B 159 -16.92 48.56 -4.28
CA LEU B 159 -18.29 48.91 -4.59
C LEU B 159 -19.23 48.60 -3.44
N ASN B 160 -18.70 48.24 -2.29
CA ASN B 160 -19.53 47.91 -1.14
C ASN B 160 -19.06 48.69 0.09
N GLY B 161 -18.38 49.81 -0.17
CA GLY B 161 -17.85 50.66 0.89
C GLY B 161 -16.65 50.04 1.55
N GLN B 162 -15.87 49.33 0.75
CA GLN B 162 -14.66 48.66 1.19
C GLN B 162 -14.88 47.63 2.29
N LYS B 163 -15.89 46.78 2.12
CA LYS B 163 -16.12 45.65 3.02
C LYS B 163 -16.67 44.44 2.25
N PRO B 164 -16.18 43.24 2.57
CA PRO B 164 -16.73 42.05 1.91
C PRO B 164 -18.19 41.85 2.29
N PRO B 165 -19.02 41.45 1.33
CA PRO B 165 -20.42 41.07 1.53
C PRO B 165 -20.53 39.98 2.59
N LEU B 166 -21.40 40.19 3.57
CA LEU B 166 -21.59 39.21 4.63
C LEU B 166 -22.35 38.03 4.07
N THR B 167 -23.13 38.34 3.04
CA THR B 167 -24.06 37.37 2.51
C THR B 167 -23.82 37.09 1.03
N TYR B 168 -24.18 35.88 0.61
CA TYR B 168 -24.14 35.52 -0.81
C TYR B 168 -25.14 36.33 -1.66
N LYS B 169 -26.34 36.61 -1.11
CA LYS B 169 -27.27 37.58 -1.76
C LYS B 169 -26.62 38.89 -2.15
N ARG B 170 -25.97 39.59 -1.21
CA ARG B 170 -25.35 40.88 -1.52
C ARG B 170 -24.20 40.75 -2.47
N PHE B 171 -23.42 39.68 -2.31
CA PHE B 171 -22.38 39.37 -3.26
C PHE B 171 -22.97 39.30 -4.67
N GLN B 172 -24.11 38.61 -4.80
CA GLN B 172 -24.76 38.46 -6.10
C GLN B 172 -25.24 39.79 -6.67
N ALA B 173 -25.97 40.55 -5.87
CA ALA B 173 -26.35 41.92 -6.23
C ALA B 173 -25.14 42.69 -6.81
N LEU B 174 -24.05 42.72 -6.06
CA LEU B 174 -22.89 43.51 -6.44
C LEU B 174 -22.31 43.17 -7.82
N ILE B 175 -22.22 41.88 -8.11
CA ILE B 175 -21.60 41.41 -9.34
C ILE B 175 -22.49 41.55 -10.58
N SER B 176 -23.79 41.73 -10.38
CA SER B 176 -24.70 42.09 -11.47
C SER B 176 -24.51 43.55 -11.90
N ARG B 177 -24.17 44.42 -10.94
CA ARG B 177 -23.79 45.81 -11.22
C ARG B 177 -22.49 45.94 -12.01
N MET B 178 -21.50 45.09 -11.71
CA MET B 178 -20.18 45.20 -12.34
C MET B 178 -20.24 44.66 -13.76
N GLU B 179 -19.21 44.91 -14.56
CA GLU B 179 -19.20 44.32 -15.89
C GLU B 179 -19.06 42.80 -15.84
N LEU B 180 -19.06 42.18 -17.00
CA LEU B 180 -18.89 40.75 -17.06
C LEU B 180 -17.40 40.44 -17.04
N PRO B 181 -17.03 39.28 -16.45
CA PRO B 181 -15.69 38.71 -16.40
C PRO B 181 -14.97 38.79 -17.74
N LYS B 182 -13.68 39.12 -17.72
CA LYS B 182 -12.92 39.25 -18.96
C LYS B 182 -13.05 37.92 -19.70
N LYS B 183 -13.07 37.96 -21.03
CA LYS B 183 -13.02 36.77 -21.86
C LYS B 183 -11.73 36.00 -21.55
N PRO B 184 -11.72 34.68 -21.80
CA PRO B 184 -10.43 34.03 -21.64
C PRO B 184 -9.43 34.49 -22.71
N ALA B 185 -8.23 34.85 -22.27
CA ALA B 185 -7.14 35.23 -23.16
C ALA B 185 -6.86 34.14 -24.19
N VAL B 186 -6.25 34.53 -25.30
CA VAL B 186 -5.88 33.58 -26.34
C VAL B 186 -4.87 32.59 -25.77
N ALA B 187 -4.90 31.36 -26.27
CA ALA B 187 -3.92 30.36 -25.87
C ALA B 187 -2.52 30.85 -26.24
N VAL B 188 -1.54 30.53 -25.41
CA VAL B 188 -0.18 30.96 -25.63
C VAL B 188 0.36 30.48 -26.97
N SER B 189 0.63 31.43 -27.87
CA SER B 189 1.04 31.13 -29.24
C SER B 189 2.25 30.22 -29.27
N SER B 190 2.32 29.41 -30.33
CA SER B 190 3.43 28.49 -30.52
C SER B 190 4.75 29.27 -30.61
N GLN B 191 4.88 30.07 -31.66
CA GLN B 191 6.14 30.75 -31.98
C GLN B 191 6.49 31.89 -31.03
N GLN B 192 5.52 32.28 -30.20
CA GLN B 192 5.74 33.18 -29.07
C GLN B 192 7.00 32.75 -28.33
N MET B 193 7.07 31.44 -28.09
CA MET B 193 8.17 30.84 -27.37
C MET B 193 8.72 29.57 -28.04
N GLU B 194 8.21 29.24 -29.22
CA GLU B 194 8.77 28.12 -29.95
C GLU B 194 10.20 28.49 -30.31
N SER B 195 10.41 29.76 -30.66
CA SER B 195 11.75 30.25 -30.96
C SER B 195 12.32 31.08 -29.81
N CYS B 196 11.68 31.02 -28.65
CA CYS B 196 12.32 31.53 -27.43
C CYS B 196 13.44 30.55 -27.12
N ARG B 197 14.66 31.07 -26.97
CA ARG B 197 15.82 30.25 -26.72
C ARG B 197 16.81 31.03 -25.88
N ALA B 198 17.60 30.29 -25.11
CA ALA B 198 18.73 30.87 -24.40
C ALA B 198 19.69 29.74 -24.12
N GLU B 199 19.31 28.86 -23.21
CA GLU B 199 20.07 27.64 -22.97
C GLU B 199 19.10 26.50 -22.73
N ILE B 200 19.39 25.34 -23.32
CA ILE B 200 18.59 24.14 -23.13
C ILE B 200 19.48 22.97 -22.66
N GLN B 201 20.20 23.20 -21.57
CA GLN B 201 21.21 22.27 -21.07
C GLN B 201 20.68 20.84 -20.81
N GLU B 202 21.59 19.88 -20.65
CA GLU B 202 21.23 18.48 -20.41
C GLU B 202 21.26 18.15 -18.91
N ASN B 203 21.93 18.99 -18.14
CA ASN B 203 21.87 18.90 -16.69
C ASN B 203 20.46 19.23 -16.21
N HIS B 204 19.63 19.71 -17.14
CA HIS B 204 18.30 20.22 -16.87
C HIS B 204 17.46 19.32 -16.00
N ASP B 205 17.12 18.13 -16.51
CA ASP B 205 16.29 17.19 -15.77
C ASP B 205 16.82 16.98 -14.34
N ASP B 206 18.14 16.90 -14.21
CA ASP B 206 18.76 16.67 -12.91
C ASP B 206 18.68 17.87 -11.97
N THR B 207 18.66 19.09 -12.52
CA THR B 207 18.64 20.30 -11.70
C THR B 207 17.26 20.98 -11.55
N TYR B 208 16.49 21.01 -12.63
CA TYR B 208 15.16 21.60 -12.62
C TYR B 208 14.01 20.63 -13.01
N GLY B 209 14.12 19.36 -12.65
CA GLY B 209 13.10 18.39 -13.03
C GLY B 209 11.90 18.46 -12.11
N VAL B 210 10.76 17.91 -12.54
CA VAL B 210 9.58 17.90 -11.70
C VAL B 210 9.78 16.79 -10.73
N PRO B 211 9.75 17.10 -9.42
CA PRO B 211 9.97 16.08 -8.39
C PRO B 211 9.03 14.87 -8.56
N SER B 212 9.46 13.74 -8.01
CA SER B 212 8.68 12.52 -7.96
C SER B 212 8.01 12.50 -6.61
N LEU B 213 7.03 11.62 -6.42
CA LEU B 213 6.35 11.56 -5.14
C LEU B 213 7.33 11.10 -4.09
N GLU B 214 8.28 10.27 -4.48
CA GLU B 214 9.24 9.73 -3.54
C GLU B 214 10.16 10.83 -3.01
N GLU B 215 10.60 11.70 -3.91
CA GLU B 215 11.42 12.83 -3.52
C GLU B 215 10.68 13.75 -2.52
N LEU B 216 9.35 13.63 -2.45
CA LEU B 216 8.56 14.42 -1.50
C LEU B 216 8.35 13.65 -0.23
N GLY B 217 8.82 12.41 -0.25
CA GLY B 217 8.70 11.54 0.90
C GLY B 217 7.52 10.61 0.96
N PHE B 218 6.89 10.35 -0.18
CA PHE B 218 5.74 9.46 -0.19
C PHE B 218 6.15 8.12 -0.78
N PRO B 219 5.78 7.04 -0.08
CA PRO B 219 6.00 5.73 -0.67
C PRO B 219 4.96 5.44 -1.76
N THR B 220 5.43 5.05 -2.94
CA THR B 220 4.54 4.77 -4.06
C THR B 220 4.61 3.34 -4.58
N GLU B 221 4.50 2.37 -3.69
CA GLU B 221 4.32 1.00 -4.12
C GLU B 221 2.90 0.60 -3.85
N GLY B 222 2.33 -0.15 -4.80
CA GLY B 222 0.94 -0.58 -4.74
C GLY B 222 0.03 0.59 -5.07
N LEU B 223 0.55 1.56 -5.82
CA LEU B 223 -0.14 2.82 -6.01
C LEU B 223 -0.74 2.92 -7.40
N GLY B 224 -2.06 2.76 -7.45
CA GLY B 224 -2.83 2.79 -8.68
C GLY B 224 -2.88 4.13 -9.37
N PRO B 225 -3.46 4.15 -10.56
CA PRO B 225 -3.74 5.40 -11.30
C PRO B 225 -4.63 6.33 -10.49
N ALA B 226 -4.40 7.64 -10.55
CA ALA B 226 -5.12 8.61 -9.71
C ALA B 226 -6.58 8.65 -10.14
N VAL B 227 -7.51 8.71 -9.21
CA VAL B 227 -8.92 8.92 -9.59
C VAL B 227 -9.02 10.30 -10.27
N TRP B 228 -8.33 11.28 -9.70
CA TRP B 228 -8.31 12.66 -10.20
C TRP B 228 -6.96 13.02 -10.82
N GLN B 229 -6.79 12.66 -12.08
CA GLN B 229 -5.57 12.97 -12.83
C GLN B 229 -5.30 14.45 -13.00
N GLY B 230 -4.14 14.92 -12.54
CA GLY B 230 -3.81 16.33 -12.58
C GLY B 230 -3.52 16.87 -13.97
N GLY B 231 -3.54 18.21 -14.09
CA GLY B 231 -3.09 18.88 -15.29
C GLY B 231 -4.13 19.58 -16.17
N GLU B 232 -3.66 20.58 -16.92
CA GLU B 232 -4.47 21.35 -17.87
C GLU B 232 -5.18 20.47 -18.88
N THR B 233 -4.50 19.42 -19.31
CA THR B 233 -4.97 18.55 -20.36
C THR B 233 -6.13 17.67 -19.92
N GLU B 234 -6.02 17.05 -18.76
CA GLU B 234 -7.17 16.32 -18.24
C GLU B 234 -8.33 17.29 -17.97
N ALA B 235 -7.99 18.54 -17.63
CA ALA B 235 -8.99 19.55 -17.27
C ALA B 235 -9.85 20.05 -18.42
N LEU B 236 -9.23 20.18 -19.59
CA LEU B 236 -9.92 20.62 -20.80
C LEU B 236 -10.71 19.48 -21.38
N ALA B 237 -10.13 18.31 -21.33
CA ALA B 237 -10.81 17.12 -21.78
C ALA B 237 -12.07 16.98 -20.97
N ARG B 238 -11.96 17.18 -19.67
CA ARG B 238 -13.09 17.04 -18.77
C ARG B 238 -14.16 18.12 -19.01
N LEU B 239 -13.73 19.31 -19.37
CA LEU B 239 -14.64 20.39 -19.67
C LEU B 239 -15.58 20.00 -20.79
N ASP B 240 -15.04 19.37 -21.81
CA ASP B 240 -15.85 18.94 -22.93
C ASP B 240 -16.87 17.86 -22.53
N LYS B 241 -16.43 16.91 -21.72
CA LYS B 241 -17.36 15.89 -21.30
C LYS B 241 -18.41 16.52 -20.42
N HIS B 242 -18.02 17.52 -19.64
CA HIS B 242 -18.87 18.13 -18.62
C HIS B 242 -20.10 18.75 -19.29
N LEU B 243 -19.91 19.12 -20.55
CA LEU B 243 -20.81 19.96 -21.36
C LEU B 243 -21.51 19.18 -22.47
N GLU B 244 -21.45 17.87 -22.37
CA GLU B 244 -22.08 16.98 -23.35
C GLU B 244 -23.44 16.60 -22.80
N ARG B 245 -24.34 16.18 -23.68
CA ARG B 245 -25.77 16.08 -23.37
C ARG B 245 -26.10 15.42 -22.03
N LYS B 246 -25.80 14.13 -21.90
CA LYS B 246 -26.14 13.40 -20.68
C LYS B 246 -25.53 14.02 -19.42
N ALA B 247 -24.28 14.48 -19.51
CA ALA B 247 -23.63 15.17 -18.40
C ALA B 247 -24.42 16.45 -17.99
N TRP B 248 -24.80 17.23 -19.00
CA TRP B 248 -25.50 18.49 -18.82
C TRP B 248 -26.85 18.27 -18.15
N VAL B 249 -27.64 17.35 -18.71
CA VAL B 249 -28.98 17.01 -18.21
C VAL B 249 -28.89 16.62 -16.75
N ALA B 250 -27.96 15.71 -16.45
CA ALA B 250 -27.90 15.14 -15.12
C ALA B 250 -27.39 16.10 -14.05
N ASN B 251 -26.58 17.08 -14.45
CA ASN B 251 -26.03 18.03 -13.50
C ASN B 251 -26.79 19.35 -13.39
N TYR B 252 -27.32 19.86 -14.51
CA TYR B 252 -27.98 21.15 -14.51
C TYR B 252 -29.52 21.14 -14.56
N GLU B 253 -30.10 20.22 -15.31
CA GLU B 253 -31.56 20.17 -15.48
C GLU B 253 -32.36 19.33 -14.47
N ARG B 254 -32.02 18.06 -14.36
CA ARG B 254 -32.64 17.22 -13.35
C ARG B 254 -31.60 16.72 -12.35
N PRO B 255 -31.16 17.60 -11.45
CA PRO B 255 -30.23 17.14 -10.42
C PRO B 255 -30.98 16.37 -9.33
N ARG B 256 -30.90 15.05 -9.38
CA ARG B 256 -31.37 14.23 -8.25
C ARG B 256 -30.20 13.57 -7.55
N MET B 257 -30.22 13.55 -6.23
CA MET B 257 -29.20 12.83 -5.49
C MET B 257 -29.45 11.32 -5.45
N ASN B 258 -28.37 10.56 -5.62
CA ASN B 258 -28.41 9.10 -5.61
C ASN B 258 -27.00 8.60 -5.30
N ALA B 259 -26.85 7.30 -5.07
CA ALA B 259 -25.54 6.70 -4.86
C ALA B 259 -24.51 7.21 -5.85
N ASN B 260 -24.82 7.12 -7.14
CA ASN B 260 -23.84 7.41 -8.18
C ASN B 260 -23.14 8.78 -8.12
N SER B 261 -23.89 9.81 -7.73
CA SER B 261 -23.35 11.16 -7.73
C SER B 261 -22.31 11.30 -6.63
N LEU B 262 -22.45 10.49 -5.58
CA LEU B 262 -21.41 10.33 -4.57
C LEU B 262 -20.06 9.88 -5.17
N LEU B 263 -20.10 9.02 -6.18
CA LEU B 263 -18.89 8.62 -6.83
C LEU B 263 -18.23 9.76 -7.59
N ALA B 264 -16.95 9.59 -7.86
CA ALA B 264 -16.17 10.61 -8.51
C ALA B 264 -16.52 10.64 -9.98
N SER B 265 -17.16 11.73 -10.40
CA SER B 265 -17.55 11.90 -11.80
C SER B 265 -16.36 12.13 -12.71
N PRO B 266 -16.44 11.63 -13.95
CA PRO B 266 -15.36 11.90 -14.90
C PRO B 266 -15.50 13.26 -15.55
N THR B 267 -16.48 14.01 -15.08
CA THR B 267 -16.71 15.37 -15.54
C THR B 267 -16.65 16.40 -14.40
N GLY B 268 -16.19 16.00 -13.21
CA GLY B 268 -15.94 16.91 -12.10
C GLY B 268 -14.78 17.80 -12.46
N LEU B 269 -14.85 19.08 -12.09
CA LEU B 269 -13.87 20.09 -12.50
C LEU B 269 -13.39 20.87 -11.28
N SER B 270 -13.94 20.50 -10.14
CA SER B 270 -13.58 21.09 -8.89
C SER B 270 -12.06 21.17 -8.59
N PRO B 271 -11.32 20.04 -8.70
CA PRO B 271 -9.88 20.16 -8.45
C PRO B 271 -9.13 20.94 -9.52
N TYR B 272 -9.53 20.84 -10.78
CA TYR B 272 -8.92 21.61 -11.86
C TYR B 272 -9.10 23.12 -11.72
N LEU B 273 -10.27 23.56 -11.25
CA LEU B 273 -10.52 24.99 -11.02
C LEU B 273 -9.58 25.58 -9.98
N ARG B 274 -9.20 24.75 -9.03
CA ARG B 274 -8.50 25.17 -7.84
C ARG B 274 -7.01 25.21 -8.02
N PHE B 275 -6.49 24.34 -8.88
CA PHE B 275 -5.08 24.41 -9.21
C PHE B 275 -4.82 25.38 -10.37
N GLY B 276 -5.86 25.76 -11.05
CA GLY B 276 -5.70 26.59 -12.24
C GLY B 276 -5.50 25.75 -13.49
N CYS B 277 -5.69 24.45 -13.39
CA CYS B 277 -5.59 23.60 -14.56
C CYS B 277 -6.68 23.98 -15.53
N LEU B 278 -7.86 24.31 -14.98
CA LEU B 278 -8.94 24.92 -15.75
C LEU B 278 -9.11 26.41 -15.46
N SER B 279 -9.48 27.17 -16.48
CA SER B 279 -9.70 28.60 -16.31
C SER B 279 -11.14 28.82 -15.98
N CYS B 280 -11.43 29.37 -14.80
CA CYS B 280 -12.83 29.58 -14.38
C CYS B 280 -13.60 30.47 -15.33
N ARG B 281 -12.90 31.30 -16.11
CA ARG B 281 -13.52 32.10 -17.17
C ARG B 281 -13.85 31.29 -18.40
N LEU B 282 -12.93 30.43 -18.81
CA LEU B 282 -13.21 29.53 -19.90
C LEU B 282 -14.47 28.72 -19.53
N PHE B 283 -14.46 28.15 -18.34
CA PHE B 283 -15.61 27.41 -17.79
C PHE B 283 -16.84 28.31 -17.92
N TYR B 284 -16.73 29.52 -17.37
CA TYR B 284 -17.82 30.49 -17.31
C TYR B 284 -18.49 30.75 -18.66
N TYR B 285 -17.70 31.07 -19.67
CA TYR B 285 -18.28 31.40 -20.97
C TYR B 285 -18.79 30.19 -21.76
N ARG B 286 -18.10 29.06 -21.66
CA ARG B 286 -18.50 27.86 -22.36
C ARG B 286 -19.87 27.41 -21.88
N LEU B 287 -20.13 27.69 -20.61
CA LEU B 287 -21.37 27.31 -19.92
C LEU B 287 -22.49 28.27 -20.33
N TRP B 288 -22.09 29.51 -20.60
CA TRP B 288 -23.00 30.55 -21.03
C TRP B 288 -23.44 30.18 -22.42
N ASP B 289 -22.46 29.85 -23.26
CA ASP B 289 -22.70 29.50 -24.65
C ASP B 289 -23.56 28.27 -24.77
N LEU B 290 -23.42 27.34 -23.85
CA LEU B 290 -24.19 26.12 -23.90
C LEU B 290 -25.65 26.42 -23.58
N TYR B 291 -25.88 27.18 -22.52
CA TYR B 291 -27.24 27.57 -22.14
C TYR B 291 -27.90 28.27 -23.31
N LYS B 292 -27.16 29.22 -23.87
CA LYS B 292 -27.66 30.05 -24.95
C LYS B 292 -28.13 29.17 -26.11
N LYS B 293 -27.31 28.16 -26.45
CA LYS B 293 -27.61 27.22 -27.54
C LYS B 293 -28.85 26.37 -27.25
N VAL B 294 -28.88 25.77 -26.06
CA VAL B 294 -29.86 24.78 -25.65
C VAL B 294 -31.20 25.37 -25.21
N LYS B 295 -31.16 26.54 -24.55
CA LYS B 295 -32.38 27.14 -24.01
C LYS B 295 -32.88 28.34 -24.84
N ARG B 296 -32.09 28.69 -25.86
CA ARG B 296 -32.43 29.77 -26.78
C ARG B 296 -32.74 31.08 -26.04
N ASN B 297 -31.85 31.46 -25.14
CA ASN B 297 -31.93 32.62 -24.25
C ASN B 297 -30.48 33.05 -23.97
N SER B 298 -30.15 34.32 -24.25
CA SER B 298 -28.77 34.82 -24.05
C SER B 298 -28.55 35.48 -22.69
N THR B 299 -29.51 35.33 -21.79
CA THR B 299 -29.34 35.87 -20.44
C THR B 299 -29.86 34.91 -19.37
N PRO B 300 -28.94 34.02 -18.94
CA PRO B 300 -29.13 32.88 -18.05
C PRO B 300 -29.26 33.32 -16.60
N PRO B 301 -29.93 32.50 -15.77
CA PRO B 301 -29.98 32.82 -14.34
C PRO B 301 -28.57 32.97 -13.78
N LEU B 302 -28.40 33.73 -12.70
CA LEU B 302 -27.12 33.75 -12.02
C LEU B 302 -26.83 32.34 -11.47
N SER B 303 -27.91 31.60 -11.22
CA SER B 303 -27.83 30.31 -10.57
C SER B 303 -27.23 29.23 -11.46
N LEU B 304 -27.19 29.49 -12.76
CA LEU B 304 -26.44 28.63 -13.66
C LEU B 304 -24.97 28.58 -13.27
N PHE B 305 -24.42 29.67 -12.74
CA PHE B 305 -22.97 29.73 -12.41
C PHE B 305 -22.66 29.53 -10.93
N GLY B 306 -23.63 29.04 -10.17
CA GLY B 306 -23.46 28.84 -8.73
C GLY B 306 -22.13 28.26 -8.24
N GLN B 307 -21.63 27.21 -8.89
CA GLN B 307 -20.37 26.61 -8.43
C GLN B 307 -19.20 27.60 -8.48
N LEU B 308 -19.13 28.38 -9.56
CA LEU B 308 -18.14 29.45 -9.74
C LEU B 308 -18.32 30.68 -8.83
N LEU B 309 -19.53 31.25 -8.81
CA LEU B 309 -19.83 32.39 -7.95
C LEU B 309 -19.57 32.14 -6.45
N TRP B 310 -20.01 30.99 -5.91
CA TRP B 310 -19.69 30.65 -4.53
C TRP B 310 -18.19 30.58 -4.26
N ARG B 311 -17.45 30.11 -5.25
CA ARG B 311 -16.01 30.07 -5.20
C ARG B 311 -15.51 31.50 -5.10
N GLU B 312 -15.99 32.34 -6.00
CA GLU B 312 -15.70 33.79 -5.95
C GLU B 312 -16.07 34.50 -4.66
N PHE B 313 -17.30 34.27 -4.19
CA PHE B 313 -17.74 34.83 -2.94
C PHE B 313 -16.69 34.68 -1.84
N PHE B 314 -16.19 33.45 -1.68
CA PHE B 314 -15.24 33.13 -0.65
C PHE B 314 -13.88 33.78 -0.89
N TYR B 315 -13.39 33.70 -2.12
CA TYR B 315 -12.16 34.38 -2.48
C TYR B 315 -12.32 35.86 -2.20
N THR B 316 -13.56 36.29 -2.18
CA THR B 316 -13.88 37.67 -1.92
C THR B 316 -13.95 37.94 -0.39
N ALA B 317 -14.75 37.15 0.32
CA ALA B 317 -14.81 37.24 1.79
C ALA B 317 -13.47 37.10 2.50
N ALA B 318 -12.49 36.46 1.86
CA ALA B 318 -11.23 36.04 2.47
C ALA B 318 -10.11 37.05 2.29
N THR B 319 -10.00 37.63 1.09
CA THR B 319 -8.83 38.43 0.69
C THR B 319 -8.30 39.47 1.69
N ASN B 320 -9.17 39.97 2.57
CA ASN B 320 -8.72 40.89 3.61
C ASN B 320 -8.96 40.33 5.00
N ASN B 321 -8.80 39.01 5.16
CA ASN B 321 -9.08 38.37 6.46
C ASN B 321 -8.09 37.25 6.84
N PRO B 322 -6.88 37.62 7.28
CA PRO B 322 -5.80 36.67 7.56
C PRO B 322 -6.20 35.56 8.54
N ARG B 323 -7.21 35.82 9.36
CA ARG B 323 -7.70 34.83 10.32
C ARG B 323 -8.95 34.15 9.77
N PHE B 324 -9.15 34.18 8.45
CA PHE B 324 -10.37 33.65 7.86
C PHE B 324 -10.63 32.20 8.22
N ASP B 325 -9.55 31.45 8.43
CA ASP B 325 -9.67 30.02 8.71
C ASP B 325 -9.59 29.68 10.20
N ARG B 326 -9.66 30.71 11.03
CA ARG B 326 -9.74 30.47 12.46
C ARG B 326 -10.86 31.28 13.08
N MET B 327 -11.25 30.88 14.28
CA MET B 327 -12.44 31.40 14.90
C MET B 327 -12.12 32.76 15.50
N GLU B 328 -11.20 32.77 16.45
CA GLU B 328 -10.85 33.99 17.17
C GLU B 328 -9.96 34.85 16.32
N GLY B 329 -10.24 36.15 16.28
CA GLY B 329 -9.49 37.08 15.45
C GLY B 329 -10.21 37.29 14.13
N ASN B 330 -11.07 36.35 13.76
CA ASN B 330 -11.90 36.50 12.56
C ASN B 330 -13.15 37.31 12.88
N PRO B 331 -13.26 38.50 12.26
CA PRO B 331 -14.39 39.39 12.48
C PRO B 331 -15.73 38.70 12.29
N ILE B 332 -15.93 38.00 11.18
CA ILE B 332 -17.23 37.45 10.85
C ILE B 332 -17.57 36.11 11.51
N CYS B 333 -16.59 35.42 12.05
CA CYS B 333 -16.92 34.12 12.67
C CYS B 333 -17.47 34.28 14.08
N ILE B 334 -18.67 33.72 14.29
CA ILE B 334 -19.25 33.51 15.61
C ILE B 334 -18.32 32.68 16.49
N GLN B 335 -17.93 33.24 17.63
CA GLN B 335 -17.19 32.49 18.63
C GLN B 335 -18.15 31.59 19.42
N ILE B 336 -17.78 30.31 19.53
CA ILE B 336 -18.61 29.29 20.13
C ILE B 336 -17.66 28.47 20.98
N PRO B 337 -18.12 27.99 22.13
CA PRO B 337 -17.32 27.13 23.02
C PRO B 337 -17.21 25.69 22.51
N TRP B 338 -16.46 25.50 21.45
CA TRP B 338 -16.20 24.16 20.95
C TRP B 338 -15.41 23.34 21.97
N ASP B 339 -15.63 22.04 21.97
CA ASP B 339 -14.87 21.13 22.81
C ASP B 339 -13.56 20.74 22.17
N ARG B 340 -12.58 20.39 23.01
CA ARG B 340 -11.34 19.78 22.56
C ARG B 340 -11.33 18.31 22.96
N ASN B 341 -11.24 17.42 21.98
CA ASN B 341 -11.30 15.97 22.20
C ASN B 341 -10.57 15.29 21.04
N PRO B 342 -9.26 15.09 21.20
CA PRO B 342 -8.31 14.70 20.16
C PRO B 342 -8.64 13.36 19.56
N GLU B 343 -9.14 12.48 20.43
CA GLU B 343 -9.48 11.11 20.07
C GLU B 343 -10.68 11.11 19.14
N ALA B 344 -11.62 12.01 19.43
CA ALA B 344 -12.83 12.15 18.64
C ALA B 344 -12.50 12.74 17.30
N LEU B 345 -11.67 13.77 17.31
CA LEU B 345 -11.16 14.39 16.10
C LEU B 345 -10.44 13.33 15.27
N ALA B 346 -9.55 12.56 15.90
CA ALA B 346 -8.80 11.51 15.18
C ALA B 346 -9.69 10.42 14.55
N LYS B 347 -10.65 9.94 15.32
CA LYS B 347 -11.59 8.96 14.85
C LYS B 347 -12.38 9.46 13.67
N TRP B 348 -12.74 10.73 13.72
CA TRP B 348 -13.49 11.33 12.62
C TRP B 348 -12.58 11.41 11.41
N ALA B 349 -11.35 11.84 11.64
CA ALA B 349 -10.36 12.03 10.57
C ALA B 349 -10.11 10.73 9.84
N GLU B 350 -10.10 9.63 10.61
CA GLU B 350 -9.69 8.32 10.12
C GLU B 350 -10.87 7.49 9.62
N GLY B 351 -12.07 7.99 9.85
CA GLY B 351 -13.23 7.18 9.60
C GLY B 351 -13.19 5.98 10.53
N LYS B 352 -13.34 6.25 11.82
CA LYS B 352 -13.48 5.20 12.83
C LYS B 352 -14.48 5.67 13.87
N THR B 353 -15.52 6.35 13.38
CA THR B 353 -16.57 6.90 14.23
C THR B 353 -17.64 5.88 14.58
N GLY B 354 -17.70 4.78 13.83
CA GLY B 354 -18.65 3.72 14.10
C GLY B 354 -19.98 3.97 13.45
N PHE B 355 -20.13 5.14 12.85
CA PHE B 355 -21.29 5.48 12.04
C PHE B 355 -20.90 5.36 10.58
N PRO B 356 -21.16 4.20 9.98
CA PRO B 356 -20.71 3.85 8.63
C PRO B 356 -21.03 4.86 7.50
N TRP B 357 -21.97 5.76 7.70
CA TRP B 357 -22.21 6.78 6.68
C TRP B 357 -21.13 7.87 6.73
N ILE B 358 -20.70 8.26 7.93
CA ILE B 358 -19.60 9.19 8.05
C ILE B 358 -18.29 8.51 7.66
N ASP B 359 -18.13 7.27 8.12
CA ASP B 359 -16.90 6.51 7.94
C ASP B 359 -16.52 6.27 6.49
N ALA B 360 -17.52 6.10 5.62
CA ALA B 360 -17.24 5.78 4.22
C ALA B 360 -16.92 7.06 3.45
N ILE B 361 -17.51 8.16 3.89
CA ILE B 361 -17.21 9.45 3.31
C ILE B 361 -15.76 9.82 3.60
N MET B 362 -15.39 9.70 4.87
CA MET B 362 -14.02 9.96 5.29
C MET B 362 -13.02 8.93 4.76
N THR B 363 -13.49 7.79 4.29
CA THR B 363 -12.54 6.84 3.72
C THR B 363 -12.28 7.20 2.27
N GLN B 364 -13.34 7.54 1.55
CA GLN B 364 -13.26 7.98 0.16
C GLN B 364 -12.41 9.26 0.03
N LEU B 365 -12.66 10.23 0.92
CA LEU B 365 -11.85 11.44 0.98
C LEU B 365 -10.38 11.07 1.00
N ARG B 366 -10.00 10.26 1.98
CA ARG B 366 -8.64 9.87 2.23
C ARG B 366 -8.07 9.10 1.05
N GLN B 367 -8.91 8.30 0.43
CA GLN B 367 -8.41 7.50 -0.68
C GLN B 367 -8.34 8.30 -1.96
N GLU B 368 -9.44 8.96 -2.31
CA GLU B 368 -9.57 9.54 -3.64
C GLU B 368 -9.22 11.02 -3.73
N GLY B 369 -9.50 11.77 -2.67
CA GLY B 369 -9.17 13.18 -2.65
C GLY B 369 -10.31 14.16 -2.89
N TRP B 370 -11.51 13.64 -3.10
CA TRP B 370 -12.68 14.44 -3.36
C TRP B 370 -13.87 13.72 -2.77
N ILE B 371 -14.81 14.48 -2.22
CA ILE B 371 -16.12 13.94 -1.88
C ILE B 371 -17.18 14.96 -2.29
N HIS B 372 -18.41 14.48 -2.42
CA HIS B 372 -19.54 15.29 -2.88
C HIS B 372 -19.95 16.32 -1.82
N HIS B 373 -20.35 17.51 -2.27
CA HIS B 373 -20.72 18.61 -1.35
C HIS B 373 -21.63 18.15 -0.22
N LEU B 374 -22.66 17.34 -0.52
CA LEU B 374 -23.57 16.83 0.52
C LEU B 374 -22.88 15.85 1.46
N ALA B 375 -22.00 15.01 0.91
CA ALA B 375 -21.16 14.20 1.76
C ALA B 375 -20.33 15.10 2.69
N ARG B 376 -19.89 16.27 2.20
CA ARG B 376 -19.14 17.24 3.01
C ARG B 376 -20.02 17.81 4.10
N HIS B 377 -21.23 18.21 3.71
CA HIS B 377 -22.20 18.77 4.64
C HIS B 377 -22.51 17.79 5.79
N ALA B 378 -22.54 16.50 5.50
CA ALA B 378 -22.89 15.48 6.49
C ALA B 378 -21.74 15.26 7.44
N VAL B 379 -20.55 15.27 6.86
CA VAL B 379 -19.31 15.00 7.58
C VAL B 379 -18.90 16.19 8.46
N ALA B 380 -19.14 17.41 7.99
CA ALA B 380 -18.85 18.60 8.78
C ALA B 380 -19.84 18.76 9.90
N CYS B 381 -21.09 18.37 9.64
CA CYS B 381 -22.16 18.46 10.63
C CYS B 381 -21.89 17.53 11.78
N PHE B 382 -21.49 16.31 11.45
CA PHE B 382 -21.23 15.30 12.46
C PHE B 382 -20.09 15.68 13.41
N LEU B 383 -19.11 16.43 12.93
CA LEU B 383 -17.95 16.78 13.73
C LEU B 383 -18.23 18.01 14.56
N THR B 384 -19.09 18.88 14.06
CA THR B 384 -19.33 20.14 14.73
C THR B 384 -20.67 20.16 15.48
N ARG B 385 -21.68 20.78 14.88
CA ARG B 385 -22.88 21.17 15.62
C ARG B 385 -23.85 20.06 16.03
N GLY B 386 -23.76 18.91 15.39
CA GLY B 386 -24.55 17.77 15.81
C GLY B 386 -23.57 16.66 16.09
N ASP B 387 -23.70 16.02 17.25
CA ASP B 387 -22.97 14.78 17.59
C ASP B 387 -21.58 14.88 18.29
N LEU B 388 -20.68 15.75 17.82
CA LEU B 388 -19.31 15.79 18.37
C LEU B 388 -18.85 17.12 19.00
N TRP B 389 -19.45 18.22 18.58
CA TRP B 389 -19.03 19.54 19.05
C TRP B 389 -17.51 19.85 18.96
N VAL B 390 -16.84 19.44 17.89
CA VAL B 390 -15.43 19.83 17.68
C VAL B 390 -15.36 21.10 16.83
N SER B 391 -14.39 21.98 17.07
CA SER B 391 -14.26 23.19 16.28
C SER B 391 -14.13 22.91 14.79
N TRP B 392 -14.88 23.66 14.02
CA TRP B 392 -14.80 23.67 12.57
C TRP B 392 -13.38 23.88 12.06
N GLU B 393 -12.56 24.61 12.82
CA GLU B 393 -11.19 24.90 12.40
C GLU B 393 -10.43 23.62 12.18
N SER B 394 -10.79 22.61 12.96
CA SER B 394 -10.09 21.33 12.92
C SER B 394 -10.51 20.49 11.71
N GLY B 395 -11.78 20.62 11.32
CA GLY B 395 -12.25 20.09 10.06
C GLY B 395 -11.49 20.71 8.90
N VAL B 396 -11.22 22.01 8.99
CA VAL B 396 -10.52 22.75 7.94
C VAL B 396 -9.06 22.28 7.80
N ARG B 397 -8.44 21.97 8.94
CA ARG B 397 -7.08 21.42 8.96
C ARG B 397 -7.03 20.05 8.28
N VAL B 398 -7.97 19.18 8.64
CA VAL B 398 -8.06 17.87 8.02
C VAL B 398 -8.27 17.93 6.52
N PHE B 399 -9.27 18.72 6.11
CA PHE B 399 -9.64 18.84 4.69
C PHE B 399 -8.53 19.49 3.84
N ASP B 400 -7.77 20.39 4.45
CA ASP B 400 -6.67 21.03 3.77
C ASP B 400 -5.57 20.04 3.37
N GLU B 401 -5.49 18.90 4.07
CA GLU B 401 -4.55 17.84 3.67
C GLU B 401 -5.17 16.81 2.71
N LEU B 402 -6.49 16.62 2.79
CA LEU B 402 -7.11 15.53 2.05
C LEU B 402 -7.85 15.94 0.77
N LEU B 403 -8.61 17.03 0.84
CA LEU B 403 -9.53 17.45 -0.22
C LEU B 403 -8.84 18.27 -1.32
N LEU B 404 -8.90 17.77 -2.56
CA LEU B 404 -8.24 18.35 -3.72
C LEU B 404 -8.63 19.77 -4.07
N ASP B 405 -9.85 20.15 -3.77
CA ASP B 405 -10.34 21.48 -4.13
C ASP B 405 -10.36 22.47 -2.95
N ALA B 406 -9.84 22.02 -1.83
CA ALA B 406 -9.73 22.89 -0.67
C ALA B 406 -8.56 23.82 -0.88
N ASP B 407 -8.78 25.10 -0.56
CA ASP B 407 -7.70 26.05 -0.35
C ASP B 407 -8.15 27.01 0.76
N PHE B 408 -7.37 28.05 1.03
CA PHE B 408 -7.61 28.91 2.20
C PHE B 408 -9.04 29.50 2.31
N SER B 409 -9.54 30.12 1.24
CA SER B 409 -10.85 30.80 1.24
C SER B 409 -12.01 29.83 1.17
N VAL B 410 -11.97 29.02 0.13
CA VAL B 410 -13.01 28.08 -0.22
C VAL B 410 -13.34 27.11 0.89
N ASN B 411 -12.29 26.55 1.48
CA ASN B 411 -12.44 25.48 2.46
C ASN B 411 -13.05 26.05 3.75
N ALA B 412 -12.49 27.14 4.28
CA ALA B 412 -12.94 27.64 5.57
C ALA B 412 -14.29 28.35 5.50
N GLY B 413 -14.53 29.08 4.42
CA GLY B 413 -15.83 29.69 4.23
C GLY B 413 -17.00 28.72 4.38
N SER B 414 -16.88 27.55 3.76
CA SER B 414 -17.90 26.52 3.84
C SER B 414 -18.01 25.96 5.24
N TRP B 415 -16.89 25.80 5.92
CA TRP B 415 -16.93 25.20 7.24
C TRP B 415 -17.63 26.12 8.22
N MET B 416 -17.46 27.42 8.02
CA MET B 416 -18.11 28.38 8.87
C MET B 416 -19.61 28.33 8.69
N TRP B 417 -20.07 28.34 7.44
CA TRP B 417 -21.50 28.24 7.20
C TRP B 417 -22.05 26.94 7.74
N LEU B 418 -21.48 25.83 7.29
CA LEU B 418 -21.90 24.50 7.71
C LEU B 418 -22.07 24.34 9.22
N SER B 419 -21.22 25.01 10.00
CA SER B 419 -21.16 24.80 11.44
C SER B 419 -22.12 25.71 12.19
N CYS B 420 -22.64 26.70 11.46
CA CYS B 420 -23.53 27.76 11.98
C CYS B 420 -22.70 28.81 12.66
N SER B 421 -21.60 29.19 12.02
CA SER B 421 -20.62 30.11 12.60
C SER B 421 -20.45 31.33 11.69
N ALA B 422 -21.10 31.31 10.55
CA ALA B 422 -21.07 32.48 9.68
C ALA B 422 -22.46 32.71 9.13
N PHE B 423 -22.66 33.81 8.43
CA PHE B 423 -24.01 34.21 8.06
C PHE B 423 -24.14 34.35 6.54
N PHE B 424 -23.37 33.52 5.84
CA PHE B 424 -23.22 33.66 4.42
C PHE B 424 -24.54 33.42 3.65
N GLN B 425 -25.36 32.48 4.10
CA GLN B 425 -26.47 32.02 3.26
C GLN B 425 -27.44 31.14 3.99
N GLN B 426 -28.27 31.77 4.81
CA GLN B 426 -29.30 31.08 5.55
C GLN B 426 -28.66 29.99 6.38
N PHE B 427 -29.45 29.00 6.78
CA PHE B 427 -28.99 27.89 7.60
C PHE B 427 -29.83 26.75 7.15
N PHE B 428 -29.71 25.62 7.83
CA PHE B 428 -30.38 24.41 7.40
C PHE B 428 -30.27 23.39 8.51
N HIS B 429 -31.18 22.42 8.52
CA HIS B 429 -31.21 21.39 9.53
C HIS B 429 -29.90 20.61 9.59
N CYS B 430 -29.71 19.88 10.67
CA CYS B 430 -28.45 19.18 10.86
C CYS B 430 -28.62 17.73 10.49
N TYR B 431 -27.90 17.29 9.47
CA TYR B 431 -28.07 15.96 8.92
C TYR B 431 -27.93 14.88 9.96
N CYS B 432 -28.65 13.79 9.74
CA CYS B 432 -28.46 12.61 10.56
C CYS B 432 -27.29 11.76 10.04
N PRO B 433 -26.48 11.25 10.97
CA PRO B 433 -25.46 10.22 10.69
C PRO B 433 -26.01 8.94 10.08
N VAL B 434 -27.33 8.74 10.17
CA VAL B 434 -27.96 7.59 9.54
C VAL B 434 -29.05 8.00 8.54
N GLY B 435 -30.03 8.75 9.02
CA GLY B 435 -31.15 9.20 8.20
C GLY B 435 -30.81 9.80 6.85
N PHE B 436 -29.89 10.75 6.82
CA PHE B 436 -29.52 11.39 5.56
C PHE B 436 -28.83 10.42 4.63
N GLY B 437 -28.12 9.46 5.19
CA GLY B 437 -27.51 8.42 4.39
C GLY B 437 -28.57 7.68 3.59
N ARG B 438 -29.32 6.82 4.27
CA ARG B 438 -30.27 5.92 3.62
C ARG B 438 -31.25 6.60 2.65
N ARG B 439 -31.62 7.83 2.95
CA ARG B 439 -32.40 8.59 2.00
C ARG B 439 -31.60 8.92 0.71
N THR B 440 -30.26 8.91 0.80
CA THR B 440 -29.37 9.31 -0.30
C THR B 440 -28.93 8.14 -1.20
N ASP B 441 -28.54 7.02 -0.58
CA ASP B 441 -28.39 5.73 -1.26
C ASP B 441 -28.76 4.60 -0.31
N PRO B 442 -29.97 4.02 -0.47
CA PRO B 442 -30.50 2.92 0.36
C PRO B 442 -29.83 1.59 0.06
N SER B 443 -29.31 1.50 -1.17
CA SER B 443 -28.63 0.29 -1.64
C SER B 443 -27.39 -0.04 -0.82
N GLY B 444 -26.97 0.89 0.02
CA GLY B 444 -25.75 0.72 0.80
C GLY B 444 -24.55 0.37 -0.05
N ASP B 445 -24.65 0.58 -1.36
CA ASP B 445 -23.61 0.19 -2.29
C ASP B 445 -22.40 1.08 -2.12
N TYR B 446 -22.66 2.36 -1.84
CA TYR B 446 -21.62 3.30 -1.48
C TYR B 446 -20.85 2.87 -0.23
N ILE B 447 -21.59 2.45 0.80
CA ILE B 447 -20.97 2.03 2.05
C ILE B 447 -20.18 0.74 1.86
N ARG B 448 -20.51 0.00 0.81
CA ARG B 448 -19.81 -1.25 0.52
C ARG B 448 -18.45 -1.01 -0.09
N ARG B 449 -18.40 -0.07 -1.05
CA ARG B 449 -17.15 0.32 -1.68
C ARG B 449 -16.07 0.60 -0.64
N TYR B 450 -16.41 1.43 0.34
CA TYR B 450 -15.40 2.00 1.22
C TYR B 450 -15.26 1.31 2.58
N LEU B 451 -16.20 0.44 2.90
CA LEU B 451 -16.10 -0.36 4.12
C LEU B 451 -16.32 -1.86 3.87
N PRO B 452 -15.48 -2.48 3.01
CA PRO B 452 -15.77 -3.82 2.47
C PRO B 452 -15.66 -4.89 3.54
N LYS B 453 -15.22 -4.49 4.73
CA LYS B 453 -15.21 -5.35 5.91
C LYS B 453 -16.61 -5.36 6.49
N LEU B 454 -17.54 -4.74 5.76
CA LEU B 454 -18.96 -4.75 6.12
C LEU B 454 -19.78 -5.11 4.88
N LYS B 455 -19.16 -5.75 3.89
CA LYS B 455 -19.84 -6.04 2.63
C LYS B 455 -21.04 -6.95 2.85
N GLY B 456 -20.78 -8.13 3.41
CA GLY B 456 -21.82 -9.13 3.63
C GLY B 456 -22.78 -8.83 4.76
N PHE B 457 -23.15 -7.56 4.90
CA PHE B 457 -24.09 -7.13 5.92
C PHE B 457 -25.20 -6.39 5.17
N PRO B 458 -26.11 -7.15 4.53
CA PRO B 458 -27.01 -6.65 3.48
C PRO B 458 -27.60 -5.26 3.74
N SER B 459 -27.71 -4.47 2.68
CA SER B 459 -28.05 -3.04 2.76
C SER B 459 -29.42 -2.82 3.32
N ARG B 460 -29.66 -3.54 4.40
CA ARG B 460 -30.94 -3.67 5.00
C ARG B 460 -30.52 -3.57 6.45
N TYR B 461 -30.78 -2.41 7.04
CA TYR B 461 -30.24 -2.06 8.35
C TYR B 461 -28.73 -2.05 8.32
N ILE B 462 -28.11 -1.21 7.48
CA ILE B 462 -26.65 -1.13 7.42
C ILE B 462 -26.10 0.25 7.82
N TYR B 463 -26.94 1.27 7.68
CA TYR B 463 -26.54 2.62 8.07
C TYR B 463 -26.53 2.74 9.59
N GLU B 464 -27.49 2.11 10.23
CA GLU B 464 -27.46 1.96 11.68
C GLU B 464 -27.26 0.49 12.05
N PRO B 465 -26.00 0.01 12.04
CA PRO B 465 -25.67 -1.34 12.47
C PRO B 465 -25.62 -1.39 13.99
N TRP B 466 -24.53 -1.92 14.53
CA TRP B 466 -24.32 -2.07 15.99
C TRP B 466 -25.49 -2.71 16.77
N ASN B 467 -26.71 -2.27 16.52
CA ASN B 467 -27.89 -2.83 17.17
C ASN B 467 -28.39 -4.11 16.50
N ALA B 468 -27.78 -4.43 15.36
CA ALA B 468 -28.12 -5.63 14.60
C ALA B 468 -28.11 -6.84 15.52
N PRO B 469 -29.13 -7.68 15.40
CA PRO B 469 -29.31 -8.87 16.23
C PRO B 469 -28.00 -9.67 16.38
N GLU B 470 -27.73 -10.15 17.59
CA GLU B 470 -26.55 -10.95 17.85
C GLU B 470 -26.52 -12.26 17.05
N SER B 471 -27.42 -12.40 16.08
CA SER B 471 -27.46 -13.54 15.19
C SER B 471 -26.87 -13.20 13.82
N VAL B 472 -27.41 -12.15 13.19
CA VAL B 472 -26.96 -11.74 11.86
C VAL B 472 -25.50 -11.27 11.86
N GLN B 473 -25.05 -10.76 13.00
CA GLN B 473 -23.68 -10.28 13.08
C GLN B 473 -22.68 -11.43 13.02
N LYS B 474 -23.16 -12.65 13.24
CA LYS B 474 -22.31 -13.83 13.12
C LYS B 474 -22.01 -14.14 11.65
N ALA B 475 -23.07 -14.16 10.84
CA ALA B 475 -23.00 -14.47 9.42
C ALA B 475 -22.01 -13.56 8.70
N ALA B 476 -22.27 -12.26 8.80
CA ALA B 476 -21.30 -11.28 8.35
C ALA B 476 -20.11 -11.36 9.28
N LYS B 477 -18.98 -11.87 8.78
CA LYS B 477 -17.78 -12.03 9.59
C LYS B 477 -17.32 -10.72 10.26
N CYS B 478 -18.17 -10.18 11.15
CA CYS B 478 -17.94 -8.87 11.77
C CYS B 478 -18.18 -8.86 13.27
N ILE B 479 -17.53 -7.92 13.95
CA ILE B 479 -17.58 -7.80 15.39
C ILE B 479 -17.68 -6.34 15.75
N ILE B 480 -18.80 -5.90 16.30
CA ILE B 480 -18.90 -4.52 16.75
C ILE B 480 -18.09 -4.30 18.03
N GLY B 481 -16.76 -4.30 17.92
CA GLY B 481 -15.91 -4.11 19.08
C GLY B 481 -14.42 -4.28 18.84
N VAL B 482 -14.08 -5.15 17.88
CA VAL B 482 -12.67 -5.29 17.48
C VAL B 482 -12.52 -5.33 15.97
N ASP B 483 -13.58 -5.75 15.28
CA ASP B 483 -13.56 -5.83 13.82
C ASP B 483 -14.03 -4.52 13.18
N TYR B 484 -14.99 -3.85 13.83
CA TYR B 484 -15.50 -2.55 13.40
C TYR B 484 -15.82 -1.69 14.64
N PRO B 485 -15.71 -0.35 14.51
CA PRO B 485 -15.95 0.53 15.67
C PRO B 485 -17.40 0.58 16.16
N ARG B 486 -17.56 0.77 17.47
CA ARG B 486 -18.86 1.07 18.05
C ARG B 486 -19.07 2.59 18.02
N PRO B 487 -20.33 3.04 17.85
CA PRO B 487 -20.71 4.45 17.73
C PRO B 487 -20.06 5.34 18.76
N ILE B 488 -19.31 6.34 18.29
CA ILE B 488 -18.69 7.31 19.18
C ILE B 488 -19.68 7.94 20.14
N VAL B 489 -20.92 8.15 19.67
CA VAL B 489 -21.92 8.81 20.50
C VAL B 489 -23.30 8.15 20.37
N ASN B 490 -24.30 8.71 21.04
CA ASN B 490 -25.67 8.22 20.98
C ASN B 490 -26.40 8.80 19.80
N HIS B 491 -25.84 9.89 19.30
CA HIS B 491 -26.42 10.67 18.23
C HIS B 491 -27.65 11.46 18.72
N ALA B 492 -28.77 10.77 18.91
CA ALA B 492 -30.03 11.43 19.26
C ALA B 492 -29.96 12.16 20.60
N GLU B 493 -29.40 11.47 21.59
CA GLU B 493 -29.21 12.05 22.91
C GLU B 493 -28.20 13.16 22.89
N THR B 494 -27.12 12.94 22.16
CA THR B 494 -26.07 13.96 22.03
C THR B 494 -26.49 15.13 21.10
N SER B 495 -27.30 14.86 20.07
CA SER B 495 -27.73 15.93 19.17
C SER B 495 -28.79 16.82 19.81
N ARG B 496 -29.65 16.25 20.65
CA ARG B 496 -30.58 17.08 21.39
C ARG B 496 -29.78 17.94 22.38
N LEU B 497 -28.82 17.31 23.05
CA LEU B 497 -27.98 18.03 23.98
C LEU B 497 -27.26 19.14 23.24
N ASN B 498 -26.69 18.81 22.08
CA ASN B 498 -25.97 19.80 21.31
C ASN B 498 -26.88 20.87 20.71
N ILE B 499 -28.09 20.48 20.30
CA ILE B 499 -29.01 21.48 19.75
C ILE B 499 -29.49 22.43 20.84
N GLU B 500 -29.53 21.95 22.09
CA GLU B 500 -29.88 22.81 23.23
C GLU B 500 -28.75 23.76 23.57
N ARG B 501 -27.51 23.31 23.35
CA ARG B 501 -26.33 24.17 23.51
C ARG B 501 -26.31 25.20 22.39
N MET B 502 -26.79 24.79 21.24
CA MET B 502 -26.79 25.65 20.07
C MET B 502 -27.66 26.89 20.28
N LYS B 503 -28.89 26.66 20.75
CA LYS B 503 -29.81 27.76 21.08
C LYS B 503 -29.16 28.70 22.08
N GLN B 504 -28.56 28.12 23.11
CA GLN B 504 -27.90 28.88 24.15
C GLN B 504 -26.89 29.88 23.58
N ILE B 505 -26.22 29.50 22.50
CA ILE B 505 -25.25 30.41 21.89
C ILE B 505 -26.01 31.52 21.19
N TYR B 506 -27.24 31.17 20.77
CA TYR B 506 -28.10 32.06 20.00
C TYR B 506 -29.07 32.87 20.85
N GLN B 507 -29.56 32.27 21.93
CA GLN B 507 -30.26 33.03 22.94
C GLN B 507 -29.25 34.01 23.53
N GLN B 508 -28.18 33.49 24.10
CA GLN B 508 -27.13 34.33 24.70
C GLN B 508 -26.24 35.03 23.67
N LEU B 509 -26.86 35.69 22.69
CA LEU B 509 -26.14 36.55 21.76
C LEU B 509 -26.94 37.76 21.30
N SER B 510 -26.23 38.86 21.10
CA SER B 510 -26.81 40.15 20.70
C SER B 510 -27.97 40.58 21.61
N LYS C 37 15.41 -50.84 13.22
CA LYS C 37 16.37 -50.49 12.18
C LYS C 37 15.67 -50.09 10.88
N TYR C 38 15.93 -48.88 10.42
CA TYR C 38 15.48 -48.44 9.10
C TYR C 38 16.66 -47.77 8.40
N VAL C 39 16.77 -48.00 7.09
CA VAL C 39 17.70 -47.27 6.24
C VAL C 39 16.99 -46.62 5.04
N LEU C 40 16.86 -45.29 5.09
CA LEU C 40 16.41 -44.51 3.94
C LEU C 40 17.56 -44.47 2.94
N GLN C 41 17.28 -44.08 1.72
CA GLN C 41 18.33 -44.05 0.71
C GLN C 41 18.64 -42.63 0.29
N ASP C 42 19.67 -42.48 -0.54
CA ASP C 42 20.02 -41.20 -1.10
C ASP C 42 18.89 -40.66 -1.88
N PRO C 43 18.82 -39.34 -2.00
CA PRO C 43 17.77 -38.77 -2.85
C PRO C 43 18.05 -39.10 -4.32
N ILE C 44 17.07 -38.86 -5.18
CA ILE C 44 17.15 -39.23 -6.59
C ILE C 44 18.36 -38.63 -7.30
N TRP C 45 18.71 -37.39 -6.99
CA TRP C 45 19.82 -36.72 -7.68
C TRP C 45 21.16 -37.42 -7.45
N LEU C 46 21.28 -38.15 -6.36
CA LEU C 46 22.51 -38.91 -6.15
C LEU C 46 22.44 -40.25 -6.82
N LEU C 47 21.39 -41.00 -6.53
CA LEU C 47 21.16 -42.31 -7.14
C LEU C 47 21.34 -42.35 -8.67
N MET C 48 20.93 -41.28 -9.35
CA MET C 48 21.07 -41.17 -10.81
C MET C 48 22.46 -40.74 -11.28
N ALA C 49 23.37 -40.55 -10.35
CA ALA C 49 24.65 -39.96 -10.68
C ALA C 49 25.79 -40.82 -10.16
N ASN C 50 26.88 -40.86 -10.91
CA ASN C 50 28.09 -41.51 -10.43
C ASN C 50 28.78 -40.57 -9.47
N THR C 51 28.72 -40.88 -8.18
CA THR C 51 29.25 -40.00 -7.15
C THR C 51 30.38 -40.63 -6.39
N ASP C 52 31.32 -41.25 -7.11
CA ASP C 52 32.54 -41.72 -6.45
C ASP C 52 33.63 -40.67 -6.56
N ASP C 53 34.65 -40.78 -5.69
CA ASP C 53 35.67 -39.74 -5.48
C ASP C 53 36.22 -39.02 -6.73
N SER C 54 36.43 -39.75 -7.82
CA SER C 54 36.95 -39.13 -9.04
C SER C 54 35.94 -38.18 -9.69
N ILE C 55 34.64 -38.46 -9.54
CA ILE C 55 33.63 -37.51 -10.02
C ILE C 55 33.47 -36.35 -9.04
N MET C 56 33.42 -36.68 -7.76
CA MET C 56 33.29 -35.66 -6.74
C MET C 56 34.53 -34.78 -6.67
N MET C 57 35.70 -35.40 -6.61
CA MET C 57 36.90 -34.65 -6.34
C MET C 57 37.53 -34.02 -7.57
N THR C 58 37.27 -34.57 -8.75
CA THR C 58 37.87 -33.99 -9.96
C THR C 58 37.15 -34.13 -11.33
N TYR C 59 35.84 -34.35 -11.33
CA TYR C 59 35.13 -34.33 -12.62
C TYR C 59 35.09 -32.90 -13.15
N GLN C 60 35.29 -32.78 -14.45
CA GLN C 60 35.28 -31.47 -15.13
C GLN C 60 34.15 -31.44 -16.15
N LEU C 61 33.62 -30.26 -16.43
CA LEU C 61 32.65 -30.12 -17.51
C LEU C 61 33.44 -30.04 -18.82
N PRO C 62 32.80 -30.38 -19.96
CA PRO C 62 33.49 -30.35 -21.24
C PRO C 62 33.81 -28.94 -21.72
N SER C 63 34.71 -28.82 -22.68
CA SER C 63 35.00 -27.55 -23.33
C SER C 63 34.49 -27.61 -24.77
N ARG C 64 33.53 -26.75 -25.10
CA ARG C 64 32.76 -26.88 -26.34
C ARG C 64 32.94 -25.76 -27.36
N ASP C 65 32.04 -25.73 -28.34
CA ASP C 65 31.99 -24.64 -29.33
C ASP C 65 30.67 -23.88 -29.21
N LEU C 66 30.71 -22.57 -29.41
CA LEU C 66 29.51 -21.75 -29.27
C LEU C 66 28.46 -22.07 -30.33
N GLN C 67 28.86 -22.04 -31.60
CA GLN C 67 27.89 -22.09 -32.69
C GLN C 67 27.31 -23.48 -32.90
N ALA C 68 27.99 -24.50 -32.37
CA ALA C 68 27.42 -25.83 -32.31
C ALA C 68 26.25 -25.82 -31.33
N VAL C 69 26.56 -25.68 -30.05
CA VAL C 69 25.56 -25.74 -28.98
C VAL C 69 24.48 -24.66 -29.11
N LEU C 70 24.77 -23.64 -29.90
CA LEU C 70 23.82 -22.55 -30.12
C LEU C 70 22.68 -23.06 -30.99
N LYS C 71 23.04 -23.64 -32.14
CA LYS C 71 22.09 -24.14 -33.13
C LYS C 71 21.10 -25.18 -32.59
N GLU C 72 21.59 -26.06 -31.73
CA GLU C 72 20.76 -27.13 -31.14
C GLU C 72 19.61 -26.53 -30.33
N ASP C 73 19.91 -25.47 -29.58
CA ASP C 73 18.89 -24.76 -28.84
C ASP C 73 17.78 -24.27 -29.77
N GLN C 74 18.15 -23.76 -30.94
CA GLN C 74 17.20 -23.26 -31.93
C GLN C 74 16.17 -24.33 -32.30
N GLU C 75 16.65 -25.55 -32.53
CA GLU C 75 15.79 -26.65 -32.95
C GLU C 75 14.85 -27.08 -31.84
N LYS C 76 15.41 -27.30 -30.66
CA LYS C 76 14.59 -27.62 -29.48
C LYS C 76 13.59 -26.51 -29.25
N LEU C 77 14.01 -25.26 -29.45
CA LEU C 77 13.14 -24.12 -29.22
C LEU C 77 11.96 -24.16 -30.18
N LYS C 78 12.21 -24.63 -31.40
CA LYS C 78 11.17 -24.68 -32.40
C LYS C 78 10.11 -25.67 -31.94
N LEU C 79 10.56 -26.77 -31.33
CA LEU C 79 9.66 -27.68 -30.61
C LEU C 79 8.95 -26.94 -29.50
N LEU C 80 9.77 -26.42 -28.58
CA LEU C 80 9.31 -25.86 -27.33
C LEU C 80 8.35 -24.72 -27.56
N GLN C 81 8.69 -23.83 -28.49
CA GLN C 81 7.95 -22.59 -28.67
C GLN C 81 6.51 -22.83 -29.12
N ARG C 82 5.87 -23.72 -28.36
CA ARG C 82 4.48 -24.13 -28.53
C ARG C 82 3.70 -23.59 -27.33
N SER C 83 4.11 -23.99 -26.13
CA SER C 83 3.59 -23.39 -24.90
C SER C 83 4.12 -21.98 -24.76
N GLN C 84 5.45 -21.86 -24.64
CA GLN C 84 6.16 -20.61 -24.93
C GLN C 84 5.71 -19.42 -24.07
N PRO C 85 4.88 -19.68 -23.06
CA PRO C 85 3.81 -18.81 -22.55
C PRO C 85 3.28 -17.74 -23.51
N ARG C 86 1.96 -17.78 -23.69
CA ARG C 86 1.24 -16.78 -24.45
C ARG C 86 0.26 -16.06 -23.53
N PHE C 87 0.27 -14.74 -23.59
CA PHE C 87 -0.62 -13.92 -22.79
C PHE C 87 -1.67 -13.26 -23.69
N THR C 88 -2.46 -12.35 -23.12
CA THR C 88 -3.42 -11.57 -23.89
C THR C 88 -3.25 -10.10 -23.53
N GLU C 89 -4.01 -9.21 -24.17
CA GLU C 89 -3.86 -7.76 -23.99
C GLU C 89 -3.86 -7.37 -22.50
N GLY C 90 -4.77 -7.95 -21.73
CA GLY C 90 -4.87 -7.67 -20.31
C GLY C 90 -3.61 -7.98 -19.53
N GLN C 91 -2.91 -9.02 -19.95
CA GLN C 91 -1.68 -9.45 -19.30
C GLN C 91 -0.43 -8.87 -19.96
N ARG C 92 -0.43 -8.85 -21.29
CA ARG C 92 0.74 -8.43 -22.07
C ARG C 92 1.23 -7.02 -21.75
N ARG C 93 0.37 -6.21 -21.14
CA ARG C 93 0.65 -4.80 -20.87
C ARG C 93 1.50 -4.62 -19.60
N GLU C 94 1.28 -5.50 -18.63
CA GLU C 94 1.91 -5.38 -17.33
C GLU C 94 3.41 -5.62 -17.40
N LEU C 95 3.86 -6.34 -18.41
CA LEU C 95 5.28 -6.62 -18.55
C LEU C 95 6.04 -5.37 -18.94
N ARG C 96 5.39 -4.46 -19.66
CA ARG C 96 6.04 -3.22 -20.06
C ARG C 96 6.32 -2.32 -18.86
N GLU C 97 5.45 -2.40 -17.85
CA GLU C 97 5.63 -1.67 -16.59
C GLU C 97 6.79 -2.19 -15.73
N VAL C 98 7.13 -3.47 -15.89
CA VAL C 98 8.22 -4.06 -15.11
C VAL C 98 9.42 -4.37 -16.00
N HIS C 99 9.15 -4.59 -17.29
CA HIS C 99 10.22 -4.93 -18.23
C HIS C 99 10.31 -3.93 -19.39
N PRO C 100 11.54 -3.60 -19.78
CA PRO C 100 11.92 -2.97 -21.04
C PRO C 100 11.26 -3.64 -22.28
N TRP C 101 10.02 -3.23 -22.53
CA TRP C 101 9.21 -3.59 -23.71
C TRP C 101 9.43 -5.02 -24.26
N LEU C 107 13.92 -6.02 -22.39
CA LEU C 107 14.23 -7.32 -21.79
C LEU C 107 15.68 -7.78 -21.91
N PRO C 108 16.34 -7.49 -23.04
CA PRO C 108 17.76 -7.87 -23.04
C PRO C 108 18.58 -7.09 -22.00
N THR C 109 17.93 -6.18 -21.27
CA THR C 109 18.59 -5.25 -20.36
C THR C 109 19.57 -5.91 -19.40
N ALA C 110 19.07 -6.85 -18.59
CA ALA C 110 19.91 -7.53 -17.61
C ALA C 110 20.85 -8.59 -18.20
N ILE C 111 20.66 -8.93 -19.48
CA ILE C 111 21.50 -9.93 -20.13
C ILE C 111 22.37 -9.44 -21.31
N ASP C 112 22.07 -8.27 -21.87
CA ASP C 112 22.80 -7.81 -23.06
C ASP C 112 24.26 -7.52 -22.75
N VAL C 113 24.96 -8.51 -22.23
CA VAL C 113 26.37 -8.33 -21.88
C VAL C 113 27.27 -9.45 -22.42
N THR C 114 28.56 -9.31 -22.19
CA THR C 114 29.55 -10.20 -22.80
C THR C 114 29.77 -11.47 -21.98
N GLY C 115 29.99 -11.30 -20.67
CA GLY C 115 30.08 -12.42 -19.75
C GLY C 115 29.01 -12.27 -18.68
N CYS C 116 29.35 -12.53 -17.42
CA CYS C 116 28.43 -12.12 -16.37
C CYS C 116 28.78 -10.66 -16.03
N VAL C 117 29.65 -10.47 -15.03
CA VAL C 117 30.13 -9.14 -14.65
C VAL C 117 31.36 -9.10 -13.75
N TYR C 118 31.92 -10.25 -13.39
CA TYR C 118 33.13 -10.19 -12.55
C TYR C 118 34.41 -10.86 -13.10
N CYS C 119 34.32 -11.81 -14.03
CA CYS C 119 35.55 -12.36 -14.65
C CYS C 119 35.74 -12.29 -16.19
N GLU C 120 35.23 -11.24 -16.82
CA GLU C 120 35.25 -11.08 -18.28
C GLU C 120 35.70 -9.66 -18.66
N LYS D 37 15.55 5.39 2.40
CA LYS D 37 14.28 5.58 3.08
C LYS D 37 14.00 7.05 3.36
N TYR D 38 12.76 7.47 3.12
CA TYR D 38 12.29 8.75 3.58
C TYR D 38 11.03 8.49 4.42
N VAL D 39 10.85 9.28 5.48
CA VAL D 39 9.64 9.23 6.30
C VAL D 39 9.12 10.60 6.75
N LEU D 40 7.91 10.91 6.33
CA LEU D 40 7.11 11.99 6.91
C LEU D 40 6.28 11.36 8.01
N GLN D 41 5.89 12.16 9.00
CA GLN D 41 5.08 11.62 10.08
C GLN D 41 3.58 11.88 9.88
N ASP D 42 2.80 11.25 10.75
CA ASP D 42 1.38 11.44 10.83
C ASP D 42 1.04 12.90 10.93
N PRO D 43 -0.20 13.27 10.56
CA PRO D 43 -0.62 14.67 10.75
C PRO D 43 -0.73 15.03 12.23
N ILE D 44 -0.86 16.31 12.55
CA ILE D 44 -0.90 16.79 13.94
C ILE D 44 -2.07 16.23 14.73
N TRP D 45 -3.21 16.04 14.09
CA TRP D 45 -4.39 15.51 14.78
C TRP D 45 -4.30 14.02 15.12
N LEU D 46 -3.43 13.29 14.43
CA LEU D 46 -3.14 11.94 14.85
C LEU D 46 -2.14 11.92 16.00
N LEU D 47 -0.99 12.55 15.79
CA LEU D 47 0.07 12.63 16.78
C LEU D 47 -0.35 13.13 18.18
N MET D 48 -1.41 13.95 18.24
CA MET D 48 -1.86 14.48 19.53
C MET D 48 -2.95 13.62 20.16
N ALA D 49 -3.08 12.37 19.72
CA ALA D 49 -4.19 11.55 20.14
C ALA D 49 -3.82 10.08 20.25
N ASN D 50 -4.43 9.41 21.21
CA ASN D 50 -4.22 8.00 21.38
C ASN D 50 -5.00 7.24 20.32
N THR D 51 -4.26 6.62 19.41
CA THR D 51 -4.84 5.88 18.29
C THR D 51 -4.63 4.38 18.46
N ASP D 52 -4.62 3.94 19.72
CA ASP D 52 -4.63 2.52 20.07
C ASP D 52 -5.75 1.81 19.33
N ASP D 53 -5.56 0.54 19.01
CA ASP D 53 -6.64 -0.28 18.46
C ASP D 53 -7.83 -0.31 19.43
N SER D 54 -7.56 -0.12 20.71
CA SER D 54 -8.62 0.00 21.71
C SER D 54 -9.44 1.25 21.49
N ILE D 55 -8.77 2.41 21.39
CA ILE D 55 -9.50 3.65 21.15
C ILE D 55 -10.27 3.63 19.82
N MET D 56 -9.55 3.43 18.72
CA MET D 56 -10.16 3.41 17.40
C MET D 56 -11.34 2.44 17.27
N MET D 57 -11.31 1.34 18.02
CA MET D 57 -12.38 0.36 17.88
C MET D 57 -13.47 0.46 18.95
N THR D 58 -13.16 1.02 20.12
CA THR D 58 -14.16 1.10 21.20
C THR D 58 -14.40 2.43 21.94
N TYR D 59 -13.47 3.38 21.88
CA TYR D 59 -13.67 4.63 22.61
C TYR D 59 -14.96 5.33 22.19
N GLN D 60 -15.62 5.96 23.14
CA GLN D 60 -16.84 6.72 22.86
C GLN D 60 -17.14 7.77 23.94
N LEU D 61 -17.76 8.88 23.53
CA LEU D 61 -18.09 9.98 24.43
C LEU D 61 -18.91 9.50 25.60
N PRO D 62 -18.93 10.29 26.70
CA PRO D 62 -19.80 9.96 27.82
C PRO D 62 -21.13 10.69 27.69
N SER D 63 -22.16 10.14 28.33
CA SER D 63 -23.41 10.87 28.45
C SER D 63 -23.23 11.86 29.60
N ARG D 64 -23.65 13.10 29.37
CA ARG D 64 -23.48 14.18 30.35
C ARG D 64 -24.80 14.90 30.62
N ASP D 65 -24.89 15.51 31.81
CA ASP D 65 -26.05 16.29 32.23
C ASP D 65 -26.18 17.59 31.42
N LEU D 66 -27.36 17.79 30.81
CA LEU D 66 -27.66 19.01 30.08
C LEU D 66 -27.27 20.23 30.90
N GLN D 67 -28.06 20.50 31.93
CA GLN D 67 -27.98 21.72 32.72
C GLN D 67 -26.62 22.00 33.35
N ALA D 68 -25.89 20.95 33.72
CA ALA D 68 -24.51 21.12 34.16
C ALA D 68 -23.69 21.64 32.98
N VAL D 69 -23.50 20.75 32.01
CA VAL D 69 -22.81 21.06 30.76
C VAL D 69 -23.31 22.35 30.11
N LEU D 70 -24.63 22.56 30.17
CA LEU D 70 -25.26 23.76 29.64
C LEU D 70 -24.86 25.00 30.41
N LYS D 71 -24.46 24.82 31.67
CA LYS D 71 -24.10 25.97 32.50
C LYS D 71 -22.64 26.36 32.33
N GLU D 72 -21.77 25.36 32.17
CA GLU D 72 -20.35 25.57 31.86
C GLU D 72 -20.24 26.19 30.47
N ASP D 73 -21.16 25.76 29.61
CA ASP D 73 -21.37 26.33 28.28
C ASP D 73 -21.53 27.85 28.41
N GLN D 74 -22.51 28.25 29.23
CA GLN D 74 -22.84 29.65 29.46
C GLN D 74 -21.63 30.54 29.82
N GLU D 75 -20.74 30.02 30.65
CA GLU D 75 -19.65 30.84 31.18
C GLU D 75 -18.53 31.18 30.21
N LYS D 76 -18.11 30.19 29.43
CA LYS D 76 -17.16 30.42 28.36
C LYS D 76 -17.66 31.55 27.46
N LEU D 77 -18.95 31.47 27.10
CA LEU D 77 -19.61 32.48 26.25
C LEU D 77 -19.38 33.88 26.78
N LYS D 78 -19.32 34.00 28.10
CA LYS D 78 -19.16 35.31 28.71
C LYS D 78 -17.80 35.91 28.39
N LEU D 79 -16.77 35.07 28.34
CA LEU D 79 -15.42 35.53 27.97
C LEU D 79 -15.36 35.98 26.52
N LEU D 80 -16.00 35.20 25.66
CA LEU D 80 -15.84 35.31 24.22
C LEU D 80 -16.46 36.58 23.68
N GLN D 81 -17.56 37.01 24.30
CA GLN D 81 -18.37 38.10 23.77
C GLN D 81 -17.63 39.42 23.67
N ARG D 82 -16.38 39.37 23.20
CA ARG D 82 -15.63 40.58 22.88
C ARG D 82 -15.65 40.81 21.38
N SER D 83 -15.13 39.86 20.60
CA SER D 83 -15.26 39.92 19.14
C SER D 83 -16.68 39.53 18.71
N GLN D 84 -17.04 38.27 19.00
CA GLN D 84 -18.39 37.72 18.83
C GLN D 84 -19.24 38.48 17.80
N PRO D 85 -18.75 38.53 16.54
CA PRO D 85 -18.85 39.58 15.52
C PRO D 85 -19.82 40.72 15.82
N ARG D 86 -19.31 41.94 15.83
CA ARG D 86 -20.17 43.10 15.89
C ARG D 86 -20.16 43.80 14.54
N PHE D 87 -21.35 44.06 14.02
CA PHE D 87 -21.49 44.76 12.74
C PHE D 87 -22.54 45.89 12.75
N THR D 88 -22.27 46.89 11.94
CA THR D 88 -23.09 48.10 11.79
C THR D 88 -24.53 47.80 11.33
N GLU D 89 -25.45 48.75 11.52
CA GLU D 89 -26.87 48.54 11.16
C GLU D 89 -27.10 48.48 9.66
N GLY D 90 -26.14 49.00 8.88
CA GLY D 90 -26.23 48.96 7.43
C GLY D 90 -26.14 47.54 6.92
N GLN D 91 -25.16 46.81 7.44
CA GLN D 91 -24.98 45.41 7.06
C GLN D 91 -25.90 44.50 7.88
N ARG D 92 -26.47 45.03 8.95
CA ARG D 92 -27.42 44.28 9.75
C ARG D 92 -28.73 44.16 8.99
N ARG D 93 -28.87 45.01 7.97
CA ARG D 93 -30.03 44.97 7.07
C ARG D 93 -29.93 43.81 6.08
N GLU D 94 -28.70 43.49 5.67
CA GLU D 94 -28.48 42.34 4.79
C GLU D 94 -28.87 41.04 5.49
N LEU D 95 -28.54 40.96 6.78
CA LEU D 95 -28.82 39.76 7.55
C LEU D 95 -30.31 39.49 7.65
N ARG D 96 -31.07 40.55 7.89
CA ARG D 96 -32.52 40.49 7.90
C ARG D 96 -33.07 39.91 6.59
N GLU D 97 -32.48 40.31 5.47
CA GLU D 97 -32.89 39.85 4.15
C GLU D 97 -32.69 38.35 3.98
N VAL D 98 -31.67 37.82 4.66
CA VAL D 98 -31.30 36.43 4.52
C VAL D 98 -31.75 35.63 5.75
N HIS D 99 -31.75 36.29 6.90
CA HIS D 99 -32.05 35.61 8.15
C HIS D 99 -33.27 36.20 8.82
N PRO D 100 -34.18 35.34 9.29
CA PRO D 100 -35.28 35.77 10.14
C PRO D 100 -34.79 36.46 11.43
N TRP D 101 -34.28 37.69 11.26
CA TRP D 101 -34.17 38.67 12.34
C TRP D 101 -33.07 38.42 13.36
N LEU D 107 -33.82 33.39 12.93
CA LEU D 107 -32.54 32.73 13.14
C LEU D 107 -32.60 31.50 14.05
N PRO D 108 -33.45 31.53 15.09
CA PRO D 108 -33.63 30.23 15.75
C PRO D 108 -34.34 29.24 14.81
N THR D 109 -34.71 29.69 13.61
CA THR D 109 -35.48 28.92 12.62
C THR D 109 -34.96 27.50 12.37
N ALA D 110 -33.71 27.40 11.94
CA ALA D 110 -33.11 26.10 11.59
C ALA D 110 -32.72 25.24 12.80
N ILE D 111 -32.59 25.87 13.96
CA ILE D 111 -32.22 25.15 15.19
C ILE D 111 -33.33 25.06 16.25
N ASP D 112 -34.55 25.52 15.92
CA ASP D 112 -35.65 25.53 16.88
C ASP D 112 -36.05 24.14 17.38
N VAL D 113 -35.69 23.11 16.62
CA VAL D 113 -36.06 21.74 16.93
C VAL D 113 -35.55 21.26 18.31
N THR D 114 -35.96 20.05 18.69
CA THR D 114 -35.60 19.47 19.98
C THR D 114 -34.35 18.63 19.89
N GLY D 115 -33.97 18.27 18.67
CA GLY D 115 -32.79 17.47 18.42
C GLY D 115 -32.63 17.29 16.92
N CYS D 116 -31.82 16.32 16.50
CA CYS D 116 -31.77 16.00 15.08
C CYS D 116 -33.14 15.48 14.63
N VAL D 117 -33.56 15.91 13.44
CA VAL D 117 -34.85 15.51 12.89
C VAL D 117 -34.98 14.00 12.80
N TYR D 118 -34.28 13.40 11.84
CA TYR D 118 -34.30 11.96 11.65
C TYR D 118 -34.19 11.25 13.00
N CYS D 119 -33.82 11.99 14.03
CA CYS D 119 -33.69 11.45 15.37
C CYS D 119 -34.74 12.02 16.31
N GLU D 120 -35.23 11.18 17.22
CA GLU D 120 -36.24 11.60 18.18
C GLU D 120 -37.56 11.97 17.50
#